data_4RL6
#
_entry.id   4RL6
#
_cell.length_a   53.705
_cell.length_b   120.845
_cell.length_c   154.042
_cell.angle_alpha   90.000
_cell.angle_beta   90.000
_cell.angle_gamma   90.000
#
_symmetry.space_group_name_H-M   'P 21 21 21'
#
loop_
_entity.id
_entity.type
_entity.pdbx_description
1 polymer 'Saccharopine dehydrogenase'
2 non-polymer 'NADPH DIHYDRO-NICOTINAMIDE-ADENINE-DINUCLEOTIDE PHOSPHATE'
3 water water
#
_entity_poly.entity_id   1
_entity_poly.type   'polypeptide(L)'
_entity_poly.pdbx_seq_one_letter_code
;(MSE)SRLLVIGCGGVAQVAISKICQDSETFTEI(MSE)IASRTKSKCDDLKAKLEGKTSTKIETAALDADKVEEVIALI
GSYKPEAVLNVALPYQDLTI(MSE)DACLATGVHYIDTANYEAEDTEDPEWRAIYEKRCKELGFTAYFDYSWQWAYQEKF
KEAGLTALLGSGFDPGVTSVFSAYALKHYFDEIHYIDILDCNGGDHGYPFATNFNPEINLREVSAPGSYWEDGKWVEVEA
(MSE)SIKREYDFPQVGQKD(MSE)YLLHHEEIESLAKNIPGVKRIRFF(MSE)TFGQSYLTH(MSE)KCLENVGLLRTD
TINFNGQEIVPIQFLKALLPDPASLGPRTVGKTNIGCIFTGVKDGVEKTIYIYNVCDHQECYAEVGSQAISYTTGVPA
(MSE)IGTKLV(MSE)NGTWKQAGVYNLEELDPDPF(MSE)EALNEYGLPWVVVENPQ(MSE)VDLEHHHHHH
;
_entity_poly.pdbx_strand_id   A,B
#
# COMPACT_ATOMS: atom_id res chain seq x y z
N SER A 2 -9.16 26.32 -40.03
CA SER A 2 -8.65 27.58 -39.43
C SER A 2 -9.41 27.95 -38.15
N ARG A 3 -10.54 27.29 -37.92
CA ARG A 3 -11.33 27.54 -36.71
C ARG A 3 -11.55 26.17 -36.02
N LEU A 4 -10.95 25.98 -34.85
CA LEU A 4 -11.04 24.69 -34.17
C LEU A 4 -11.46 24.76 -32.71
N LEU A 5 -12.27 23.80 -32.30
CA LEU A 5 -12.71 23.73 -30.90
C LEU A 5 -11.99 22.56 -30.23
N VAL A 6 -11.30 22.82 -29.14
CA VAL A 6 -10.58 21.75 -28.44
C VAL A 6 -11.25 21.56 -27.09
N ILE A 7 -11.66 20.31 -26.80
CA ILE A 7 -12.32 20.01 -25.54
C ILE A 7 -11.38 19.26 -24.59
N GLY A 8 -11.15 19.88 -23.43
CA GLY A 8 -10.26 19.27 -22.45
C GLY A 8 -9.05 20.17 -22.32
N CYS A 9 -8.37 20.11 -21.18
CA CYS A 9 -7.21 20.96 -21.02
C CYS A 9 -6.21 20.40 -19.99
N GLY A 10 -5.98 19.09 -20.07
CA GLY A 10 -5.04 18.44 -19.17
C GLY A 10 -3.71 18.31 -19.85
N GLY A 11 -2.93 17.32 -19.44
CA GLY A 11 -1.61 17.12 -20.02
C GLY A 11 -1.56 17.02 -21.54
N VAL A 12 -2.31 16.07 -22.09
CA VAL A 12 -2.36 15.86 -23.52
C VAL A 12 -2.78 17.12 -24.25
N ALA A 13 -3.86 17.73 -23.78
CA ALA A 13 -4.38 18.93 -24.41
C ALA A 13 -3.37 20.06 -24.48
N GLN A 14 -2.61 20.25 -23.40
CA GLN A 14 -1.64 21.32 -23.35
C GLN A 14 -0.54 21.16 -24.41
N VAL A 15 -0.15 19.92 -24.67
CA VAL A 15 0.84 19.68 -25.70
C VAL A 15 0.18 19.87 -27.06
N ALA A 16 -0.98 19.25 -27.26
CA ALA A 16 -1.70 19.37 -28.53
C ALA A 16 -2.01 20.83 -28.85
N ILE A 17 -2.47 21.59 -27.86
CA ILE A 17 -2.77 23.00 -28.11
C ILE A 17 -1.50 23.76 -28.49
N SER A 18 -0.40 23.54 -27.77
CA SER A 18 0.87 24.20 -28.08
C SER A 18 1.35 23.91 -29.52
N LYS A 19 1.37 22.65 -29.90
CA LYS A 19 1.80 22.29 -31.24
C LYS A 19 0.89 22.91 -32.28
N ILE A 20 -0.39 23.02 -31.94
CA ILE A 20 -1.38 23.62 -32.82
C ILE A 20 -1.06 25.08 -33.09
N CYS A 21 -0.65 25.79 -32.05
CA CYS A 21 -0.31 27.19 -32.18
C CYS A 21 1.04 27.39 -32.90
N GLN A 22 1.78 26.30 -33.08
CA GLN A 22 3.06 26.37 -33.78
C GLN A 22 2.80 26.36 -35.28
N ASP A 23 1.66 25.84 -35.70
CA ASP A 23 1.28 25.76 -37.12
C ASP A 23 0.07 26.66 -37.30
N SER A 24 0.23 27.91 -36.89
CA SER A 24 -0.85 28.89 -36.94
C SER A 24 -1.44 29.19 -38.30
N GLU A 25 -0.77 28.78 -39.38
CA GLU A 25 -1.34 29.05 -40.68
C GLU A 25 -2.46 28.06 -41.01
N THR A 26 -2.45 26.91 -40.36
CA THR A 26 -3.50 25.89 -40.50
C THR A 26 -4.62 26.29 -39.53
N PHE A 27 -4.21 26.62 -38.30
CA PHE A 27 -5.14 27.01 -37.24
C PHE A 27 -5.09 28.49 -36.92
N THR A 28 -5.98 29.25 -37.54
CA THR A 28 -6.02 30.68 -37.32
C THR A 28 -6.69 31.01 -35.98
N GLU A 29 -7.78 30.29 -35.68
CA GLU A 29 -8.53 30.52 -34.45
C GLU A 29 -8.91 29.24 -33.72
N ILE A 30 -8.69 29.21 -32.41
CA ILE A 30 -9.06 28.04 -31.63
C ILE A 30 -9.82 28.46 -30.39
N ILE A 32 -10.63 26.97 -26.51
CA ILE A 32 -10.22 25.94 -25.55
C ILE A 32 -11.29 25.82 -24.48
N ALA A 33 -12.10 24.77 -24.58
CA ALA A 33 -13.16 24.60 -23.62
C ALA A 33 -13.00 23.32 -22.81
N SER A 34 -13.19 23.43 -21.50
CA SER A 34 -13.09 22.27 -20.64
C SER A 34 -13.86 22.50 -19.34
N ARG A 35 -13.93 21.45 -18.52
CA ARG A 35 -14.64 21.48 -17.25
C ARG A 35 -14.22 22.63 -16.33
N THR A 36 -12.92 22.80 -16.08
CA THR A 36 -12.45 23.90 -15.23
C THR A 36 -11.89 24.95 -16.16
N LYS A 37 -12.60 26.05 -16.31
CA LYS A 37 -12.15 27.10 -17.22
C LYS A 37 -10.81 27.76 -16.88
N SER A 38 -10.42 27.77 -15.61
CA SER A 38 -9.16 28.40 -15.22
C SER A 38 -7.95 27.75 -15.90
N LYS A 39 -8.01 26.45 -16.14
CA LYS A 39 -6.93 25.74 -16.79
C LYS A 39 -6.82 26.26 -18.22
N CYS A 40 -7.96 26.49 -18.86
CA CYS A 40 -8.00 27.00 -20.23
C CYS A 40 -7.41 28.39 -20.28
N ASP A 41 -7.70 29.18 -19.25
CA ASP A 41 -7.20 30.54 -19.19
C ASP A 41 -5.68 30.59 -18.96
N ASP A 42 -5.16 29.73 -18.08
CA ASP A 42 -3.73 29.73 -17.80
C ASP A 42 -2.95 29.33 -19.05
N LEU A 43 -3.47 28.34 -19.77
CA LEU A 43 -2.81 27.89 -20.99
C LEU A 43 -2.83 29.02 -22.01
N LYS A 44 -3.95 29.74 -22.06
CA LYS A 44 -4.07 30.86 -23.01
C LYS A 44 -3.02 31.90 -22.66
N ALA A 45 -2.88 32.17 -21.36
CA ALA A 45 -1.91 33.15 -20.86
C ALA A 45 -0.50 32.75 -21.28
N LYS A 46 -0.18 31.50 -21.00
CA LYS A 46 1.12 30.90 -21.30
C LYS A 46 1.46 30.87 -22.79
N LEU A 47 0.43 30.83 -23.64
CA LEU A 47 0.62 30.74 -25.09
C LEU A 47 0.44 32.03 -25.86
N GLU A 48 -0.45 32.89 -25.39
CA GLU A 48 -0.70 34.17 -26.04
C GLU A 48 0.62 34.94 -26.06
N GLY A 49 0.92 35.60 -27.17
CA GLY A 49 2.16 36.34 -27.22
C GLY A 49 3.28 35.59 -27.92
N LYS A 50 3.14 34.27 -27.99
CA LYS A 50 4.12 33.42 -28.65
C LYS A 50 3.53 32.83 -29.94
N THR A 51 2.25 33.11 -30.19
CA THR A 51 1.60 32.60 -31.39
C THR A 51 0.73 33.66 -32.05
N SER A 52 0.42 33.46 -33.34
CA SER A 52 -0.45 34.38 -34.05
C SER A 52 -1.87 33.79 -34.07
N THR A 53 -2.01 32.62 -33.45
CA THR A 53 -3.30 31.93 -33.35
C THR A 53 -4.19 32.66 -32.35
N LYS A 54 -5.44 32.91 -32.73
CA LYS A 54 -6.40 33.58 -31.84
C LYS A 54 -7.09 32.58 -30.93
N ILE A 55 -6.92 32.79 -29.62
CA ILE A 55 -7.43 31.88 -28.59
C ILE A 55 -8.59 32.37 -27.71
N GLU A 56 -9.71 31.66 -27.75
CA GLU A 56 -10.85 32.03 -26.91
C GLU A 56 -10.99 30.89 -25.90
N THR A 57 -11.66 31.12 -24.79
CA THR A 57 -11.83 30.03 -23.81
C THR A 57 -13.24 29.98 -23.23
N ALA A 58 -13.62 28.82 -22.71
CA ALA A 58 -14.95 28.66 -22.13
C ALA A 58 -15.02 27.49 -21.19
N ALA A 59 -16.00 27.53 -20.30
CA ALA A 59 -16.20 26.41 -19.39
C ALA A 59 -17.14 25.54 -20.22
N LEU A 60 -17.05 24.23 -20.03
CA LEU A 60 -17.90 23.32 -20.76
C LEU A 60 -17.95 21.96 -20.09
N ASP A 61 -19.16 21.46 -19.90
CA ASP A 61 -19.33 20.13 -19.33
C ASP A 61 -19.66 19.22 -20.50
N ALA A 62 -18.63 18.57 -21.04
CA ALA A 62 -18.79 17.69 -22.18
C ALA A 62 -19.58 16.41 -21.91
N ASP A 63 -20.13 16.29 -20.70
CA ASP A 63 -20.97 15.13 -20.35
C ASP A 63 -22.43 15.50 -20.72
N LYS A 64 -22.66 16.77 -20.98
CA LYS A 64 -23.98 17.30 -21.35
C LYS A 64 -23.95 17.67 -22.82
N VAL A 65 -24.64 16.92 -23.67
CA VAL A 65 -24.61 17.23 -25.09
C VAL A 65 -25.21 18.59 -25.44
N GLU A 66 -26.23 19.00 -24.71
CA GLU A 66 -26.88 20.30 -24.96
C GLU A 66 -25.88 21.42 -24.78
N GLU A 67 -25.01 21.26 -23.79
CA GLU A 67 -24.00 22.26 -23.47
C GLU A 67 -22.93 22.26 -24.58
N VAL A 68 -22.58 21.07 -25.08
CA VAL A 68 -21.61 20.95 -26.16
C VAL A 68 -22.14 21.55 -27.47
N ILE A 69 -23.40 21.24 -27.78
CA ILE A 69 -24.05 21.73 -28.99
C ILE A 69 -24.14 23.25 -29.00
N ALA A 70 -24.51 23.81 -27.85
CA ALA A 70 -24.65 25.25 -27.72
C ALA A 70 -23.32 25.92 -28.04
N LEU A 71 -22.25 25.29 -27.58
CA LEU A 71 -20.91 25.81 -27.81
C LEU A 71 -20.48 25.78 -29.28
N ILE A 72 -20.64 24.64 -29.94
CA ILE A 72 -20.28 24.54 -31.34
C ILE A 72 -21.10 25.59 -32.07
N GLY A 73 -22.37 25.68 -31.69
CA GLY A 73 -23.29 26.62 -32.31
C GLY A 73 -22.81 28.04 -32.17
N SER A 74 -22.31 28.36 -30.99
CA SER A 74 -21.80 29.69 -30.72
C SER A 74 -20.46 29.99 -31.41
N TYR A 75 -19.47 29.14 -31.19
CA TYR A 75 -18.13 29.33 -31.75
C TYR A 75 -17.96 28.96 -33.23
N LYS A 76 -18.85 28.12 -33.74
CA LYS A 76 -18.81 27.68 -35.13
C LYS A 76 -17.45 27.17 -35.68
N PRO A 77 -16.97 26.03 -35.14
CA PRO A 77 -15.70 25.40 -35.54
C PRO A 77 -15.86 24.43 -36.71
N GLU A 78 -14.77 24.12 -37.41
CA GLU A 78 -14.84 23.18 -38.50
C GLU A 78 -14.65 21.77 -37.97
N ALA A 79 -14.00 21.67 -36.80
CA ALA A 79 -13.79 20.38 -36.15
C ALA A 79 -13.66 20.51 -34.64
N VAL A 80 -13.82 19.37 -33.97
CA VAL A 80 -13.72 19.29 -32.52
C VAL A 80 -12.64 18.29 -32.17
N LEU A 81 -11.64 18.70 -31.41
CA LEU A 81 -10.61 17.75 -31.01
C LEU A 81 -10.96 17.42 -29.57
N ASN A 82 -11.30 16.15 -29.35
CA ASN A 82 -11.66 15.68 -28.03
C ASN A 82 -10.46 15.15 -27.27
N VAL A 83 -9.92 15.99 -26.40
CA VAL A 83 -8.80 15.61 -25.57
C VAL A 83 -9.24 15.69 -24.11
N ALA A 84 -10.50 15.30 -23.89
CA ALA A 84 -11.05 15.21 -22.53
C ALA A 84 -10.96 13.74 -22.23
N LEU A 85 -11.83 13.21 -21.39
CA LEU A 85 -11.77 11.79 -21.07
C LEU A 85 -12.60 10.94 -22.03
N PRO A 86 -12.30 9.63 -22.13
CA PRO A 86 -13.06 8.76 -23.02
C PRO A 86 -14.55 8.67 -22.68
N TYR A 87 -14.91 9.05 -21.46
CA TYR A 87 -16.30 9.04 -21.04
C TYR A 87 -17.14 9.97 -21.93
N GLN A 88 -16.52 11.05 -22.39
CA GLN A 88 -17.19 12.04 -23.23
C GLN A 88 -17.24 11.75 -24.72
N ASP A 89 -16.62 10.67 -25.16
CA ASP A 89 -16.60 10.35 -26.59
C ASP A 89 -17.93 10.40 -27.32
N LEU A 90 -18.90 9.61 -26.86
CA LEU A 90 -20.21 9.56 -27.52
C LEU A 90 -20.96 10.89 -27.45
N THR A 91 -20.94 11.53 -26.29
CA THR A 91 -21.64 12.80 -26.16
C THR A 91 -21.09 13.81 -27.16
N ILE A 92 -19.76 13.92 -27.24
CA ILE A 92 -19.15 14.88 -28.14
C ILE A 92 -19.41 14.46 -29.58
N ASP A 94 -22.05 12.89 -30.68
CA ASP A 94 -23.46 13.18 -30.99
C ASP A 94 -23.62 14.64 -31.39
N ALA A 95 -22.96 15.54 -30.65
CA ALA A 95 -23.03 16.96 -30.94
C ALA A 95 -22.39 17.31 -32.27
N CYS A 96 -21.33 16.59 -32.63
CA CYS A 96 -20.64 16.85 -33.88
C CYS A 96 -21.55 16.50 -35.04
N LEU A 97 -22.33 15.45 -34.85
CA LEU A 97 -23.27 14.99 -35.86
C LEU A 97 -24.45 15.97 -35.96
N ALA A 98 -24.88 16.46 -34.82
CA ALA A 98 -26.00 17.39 -34.76
C ALA A 98 -25.70 18.71 -35.47
N THR A 99 -24.46 19.17 -35.33
CA THR A 99 -24.03 20.45 -35.88
C THR A 99 -23.16 20.39 -37.13
N GLY A 100 -22.93 19.19 -37.63
CA GLY A 100 -22.15 19.01 -38.84
C GLY A 100 -20.70 19.43 -38.83
N VAL A 101 -19.98 19.07 -37.77
CA VAL A 101 -18.56 19.39 -37.69
C VAL A 101 -17.82 18.06 -37.50
N HIS A 102 -16.53 18.04 -37.82
CA HIS A 102 -15.71 16.82 -37.73
C HIS A 102 -15.26 16.46 -36.32
N TYR A 103 -14.89 15.19 -36.16
CA TYR A 103 -14.48 14.68 -34.86
C TYR A 103 -13.16 13.92 -34.85
N ILE A 104 -12.33 14.24 -33.86
CA ILE A 104 -11.03 13.56 -33.70
C ILE A 104 -10.86 13.30 -32.20
N ASP A 105 -10.43 12.10 -31.82
CA ASP A 105 -10.12 11.87 -30.41
C ASP A 105 -8.86 11.01 -30.28
N THR A 106 -8.51 10.63 -29.06
CA THR A 106 -7.30 9.85 -28.82
C THR A 106 -7.53 8.54 -28.07
N ALA A 107 -8.69 8.38 -27.48
CA ALA A 107 -9.00 7.15 -26.74
C ALA A 107 -10.42 6.73 -27.05
N ASN A 108 -10.67 5.42 -27.15
CA ASN A 108 -12.03 5.02 -27.44
C ASN A 108 -12.92 5.01 -26.21
N TYR A 109 -14.20 4.85 -26.47
CA TYR A 109 -15.22 4.93 -25.44
C TYR A 109 -15.36 3.85 -24.38
N GLU A 110 -15.58 4.35 -23.16
CA GLU A 110 -15.82 3.52 -21.98
C GLU A 110 -16.77 4.37 -21.13
N ALA A 111 -17.87 3.77 -20.69
CA ALA A 111 -18.85 4.47 -19.86
C ALA A 111 -18.26 4.86 -18.49
N GLU A 112 -18.64 6.02 -17.97
CA GLU A 112 -18.14 6.46 -16.67
C GLU A 112 -18.83 5.65 -15.57
N ASP A 113 -20.07 5.27 -15.84
CA ASP A 113 -20.83 4.47 -14.89
C ASP A 113 -20.98 3.07 -15.49
N THR A 114 -20.17 2.13 -15.02
CA THR A 114 -20.20 0.75 -15.53
C THR A 114 -21.36 -0.06 -14.96
N GLU A 115 -22.31 0.60 -14.29
CA GLU A 115 -23.45 -0.14 -13.76
C GLU A 115 -24.70 0.21 -14.57
N ASP A 116 -24.53 1.14 -15.50
CA ASP A 116 -25.63 1.54 -16.35
C ASP A 116 -26.17 0.29 -17.06
N PRO A 117 -27.48 0.05 -16.92
CA PRO A 117 -28.22 -1.07 -17.51
C PRO A 117 -28.04 -1.30 -19.00
N GLU A 118 -28.19 -0.25 -19.80
CA GLU A 118 -28.04 -0.45 -21.23
C GLU A 118 -26.59 -0.75 -21.60
N TRP A 119 -25.66 -0.11 -20.89
CA TRP A 119 -24.26 -0.37 -21.17
C TRP A 119 -23.89 -1.81 -20.79
N ARG A 120 -24.25 -2.29 -19.58
CA ARG A 120 -23.90 -3.67 -19.17
C ARG A 120 -24.38 -4.70 -20.19
N ALA A 121 -25.61 -4.57 -20.65
CA ALA A 121 -26.17 -5.53 -21.58
C ALA A 121 -25.37 -5.69 -22.86
N ILE A 122 -24.88 -4.59 -23.41
CA ILE A 122 -24.08 -4.68 -24.63
C ILE A 122 -22.68 -5.17 -24.28
N TYR A 123 -22.16 -4.67 -23.16
CA TYR A 123 -20.84 -5.06 -22.67
C TYR A 123 -20.76 -6.57 -22.36
N GLU A 124 -21.68 -7.07 -21.53
CA GLU A 124 -21.72 -8.49 -21.16
C GLU A 124 -21.93 -9.40 -22.36
N LYS A 125 -22.77 -8.96 -23.30
CA LYS A 125 -23.01 -9.73 -24.50
C LYS A 125 -21.70 -9.83 -25.29
N ARG A 126 -20.93 -8.75 -25.33
CA ARG A 126 -19.66 -8.75 -26.04
C ARG A 126 -18.65 -9.62 -25.33
N CYS A 127 -18.60 -9.56 -24.00
CA CYS A 127 -17.69 -10.42 -23.24
C CYS A 127 -17.94 -11.90 -23.56
N LYS A 128 -19.17 -12.23 -23.91
CA LYS A 128 -19.55 -13.61 -24.23
C LYS A 128 -19.27 -13.96 -25.68
N GLU A 129 -19.43 -13.01 -26.59
CA GLU A 129 -19.23 -13.26 -27.99
C GLU A 129 -17.79 -13.17 -28.52
N LEU A 130 -17.12 -12.06 -28.24
CA LEU A 130 -15.75 -11.88 -28.73
C LEU A 130 -14.68 -12.49 -27.82
N GLY A 131 -14.91 -12.48 -26.51
CA GLY A 131 -13.94 -13.09 -25.63
C GLY A 131 -13.04 -12.23 -24.77
N PHE A 132 -13.09 -10.91 -24.92
CA PHE A 132 -12.27 -10.04 -24.09
C PHE A 132 -13.17 -9.13 -23.26
N THR A 133 -12.76 -8.90 -22.02
CA THR A 133 -13.56 -8.14 -21.08
C THR A 133 -13.14 -6.72 -20.69
N ALA A 134 -12.37 -6.06 -21.53
CA ALA A 134 -11.96 -4.68 -21.21
C ALA A 134 -13.19 -3.77 -21.29
N TYR A 135 -13.24 -2.76 -20.41
CA TYR A 135 -14.37 -1.85 -20.37
C TYR A 135 -14.52 -0.94 -21.58
N PHE A 136 -13.48 -0.84 -22.38
CA PHE A 136 -13.50 0.03 -23.55
C PHE A 136 -13.30 -0.73 -24.85
N ASP A 137 -13.96 -0.25 -25.90
CA ASP A 137 -13.82 -0.84 -27.21
C ASP A 137 -14.46 0.09 -28.23
N TYR A 138 -14.23 -0.20 -29.50
CA TYR A 138 -14.71 0.61 -30.61
C TYR A 138 -16.15 0.40 -31.05
N SER A 139 -16.80 -0.65 -30.53
CA SER A 139 -18.18 -0.94 -30.91
C SER A 139 -19.05 0.30 -30.94
N TRP A 140 -19.12 1.02 -29.82
CA TRP A 140 -19.94 2.22 -29.75
C TRP A 140 -19.62 3.30 -30.77
N GLN A 141 -18.33 3.54 -31.00
CA GLN A 141 -17.95 4.57 -31.95
C GLN A 141 -18.00 4.13 -33.40
N TRP A 142 -17.76 2.86 -33.69
CA TRP A 142 -17.84 2.42 -35.09
C TRP A 142 -19.29 2.47 -35.57
N ALA A 143 -20.21 2.33 -34.62
CA ALA A 143 -21.63 2.35 -34.95
C ALA A 143 -22.06 3.66 -35.62
N TYR A 144 -21.24 4.71 -35.51
CA TYR A 144 -21.58 5.99 -36.15
C TYR A 144 -21.18 6.02 -37.61
N GLN A 145 -20.56 4.95 -38.08
CA GLN A 145 -20.12 4.91 -39.47
C GLN A 145 -21.13 5.44 -40.49
N GLU A 146 -22.34 4.88 -40.49
CA GLU A 146 -23.34 5.31 -41.46
C GLU A 146 -23.81 6.75 -41.36
N LYS A 147 -24.14 7.22 -40.16
CA LYS A 147 -24.62 8.58 -40.01
C LYS A 147 -23.54 9.61 -40.37
N PHE A 148 -22.30 9.32 -40.01
CA PHE A 148 -21.21 10.22 -40.32
C PHE A 148 -20.92 10.28 -41.81
N LYS A 149 -20.95 9.13 -42.48
CA LYS A 149 -20.70 9.11 -43.92
C LYS A 149 -21.83 9.86 -44.62
N GLU A 150 -23.06 9.72 -44.11
CA GLU A 150 -24.20 10.40 -44.71
C GLU A 150 -24.10 11.90 -44.54
N ALA A 151 -23.58 12.35 -43.40
CA ALA A 151 -23.47 13.79 -43.14
C ALA A 151 -22.18 14.36 -43.71
N GLY A 152 -21.42 13.49 -44.37
CA GLY A 152 -20.15 13.92 -44.94
C GLY A 152 -19.23 14.41 -43.85
N LEU A 153 -19.26 13.75 -42.70
CA LEU A 153 -18.42 14.13 -41.59
C LEU A 153 -17.34 13.08 -41.37
N THR A 154 -16.19 13.54 -40.89
CA THR A 154 -15.07 12.65 -40.63
C THR A 154 -14.89 12.41 -39.14
N ALA A 155 -14.71 11.16 -38.76
CA ALA A 155 -14.47 10.82 -37.36
C ALA A 155 -13.17 10.04 -37.38
N LEU A 156 -12.09 10.67 -36.92
CA LEU A 156 -10.77 10.05 -36.87
C LEU A 156 -10.59 9.57 -35.43
N LEU A 157 -10.51 8.26 -35.26
CA LEU A 157 -10.40 7.65 -33.93
C LEU A 157 -9.04 7.20 -33.41
N GLY A 158 -8.77 7.49 -32.13
CA GLY A 158 -7.53 7.08 -31.51
C GLY A 158 -6.27 7.67 -32.12
N SER A 159 -6.25 8.99 -32.24
CA SER A 159 -5.12 9.65 -32.86
C SER A 159 -4.04 10.17 -31.91
N GLY A 160 -3.56 9.32 -31.00
CA GLY A 160 -2.50 9.72 -30.09
C GLY A 160 -1.30 8.87 -30.53
N PHE A 161 -0.55 8.29 -29.60
CA PHE A 161 0.56 7.48 -30.03
C PHE A 161 0.14 6.01 -30.04
N ASP A 162 -0.42 5.50 -28.95
CA ASP A 162 -0.88 4.13 -28.94
C ASP A 162 -2.18 4.10 -28.17
N PRO A 163 -3.30 4.10 -28.90
CA PRO A 163 -3.48 4.12 -30.35
C PRO A 163 -3.06 5.38 -31.08
N GLY A 164 -2.91 5.26 -32.39
CA GLY A 164 -2.54 6.41 -33.18
C GLY A 164 -1.34 6.04 -34.01
N VAL A 165 -0.21 6.67 -33.69
CA VAL A 165 1.03 6.44 -34.38
C VAL A 165 1.32 4.96 -34.61
N THR A 166 1.04 4.11 -33.63
CA THR A 166 1.28 2.68 -33.78
C THR A 166 0.49 2.09 -34.98
N SER A 167 -0.64 2.74 -35.29
CA SER A 167 -1.46 2.26 -36.43
C SER A 167 -0.88 2.88 -37.70
N VAL A 168 -0.35 4.09 -37.55
CA VAL A 168 0.27 4.76 -38.67
C VAL A 168 1.53 3.99 -39.01
N PHE A 169 2.20 3.47 -37.99
CA PHE A 169 3.41 2.68 -38.21
C PHE A 169 3.01 1.44 -38.98
N SER A 170 1.90 0.81 -38.58
CA SER A 170 1.42 -0.40 -39.24
C SER A 170 1.08 -0.16 -40.70
N ALA A 171 0.37 0.93 -40.98
CA ALA A 171 -0.01 1.20 -42.34
C ALA A 171 1.21 1.44 -43.20
N TYR A 172 2.16 2.17 -42.63
CA TYR A 172 3.41 2.54 -43.30
C TYR A 172 4.22 1.28 -43.65
N ALA A 173 4.33 0.39 -42.68
CA ALA A 173 5.06 -0.85 -42.84
C ALA A 173 4.45 -1.70 -43.96
N LEU A 174 3.13 -1.73 -44.01
CA LEU A 174 2.40 -2.51 -45.02
C LEU A 174 2.47 -1.88 -46.39
N LYS A 175 2.57 -0.57 -46.44
CA LYS A 175 2.61 0.12 -47.72
C LYS A 175 3.98 0.08 -48.39
N HIS A 176 5.04 0.16 -47.60
CA HIS A 176 6.40 0.21 -48.14
C HIS A 176 7.31 -0.97 -47.88
N TYR A 177 7.01 -1.76 -46.85
CA TYR A 177 7.88 -2.89 -46.52
C TYR A 177 7.39 -4.32 -46.69
N PHE A 178 6.09 -4.56 -46.54
CA PHE A 178 5.59 -5.92 -46.67
C PHE A 178 4.53 -6.11 -47.74
N ASP A 179 4.26 -7.37 -48.04
CA ASP A 179 3.19 -7.72 -48.96
C ASP A 179 2.05 -8.09 -48.03
N GLU A 180 2.40 -8.72 -46.91
CA GLU A 180 1.40 -9.11 -45.93
C GLU A 180 2.04 -9.21 -44.54
N ILE A 181 1.48 -8.49 -43.57
CA ILE A 181 1.98 -8.51 -42.19
C ILE A 181 1.25 -9.59 -41.45
N HIS A 182 1.98 -10.39 -40.68
CA HIS A 182 1.38 -11.49 -39.93
C HIS A 182 1.49 -11.30 -38.43
N TYR A 183 2.61 -10.76 -37.98
CA TYR A 183 2.80 -10.58 -36.55
C TYR A 183 3.14 -9.18 -36.15
N ILE A 184 2.33 -8.65 -35.23
CA ILE A 184 2.54 -7.32 -34.73
C ILE A 184 2.68 -7.35 -33.23
N ASP A 185 3.79 -6.84 -32.72
CA ASP A 185 4.00 -6.74 -31.29
C ASP A 185 4.23 -5.26 -31.00
N ILE A 186 3.34 -4.68 -30.21
CA ILE A 186 3.48 -3.26 -29.89
C ILE A 186 4.15 -3.14 -28.54
N LEU A 187 5.29 -2.46 -28.51
CA LEU A 187 6.08 -2.29 -27.29
C LEU A 187 6.14 -0.86 -26.79
N ASP A 188 5.58 -0.63 -25.61
CA ASP A 188 5.58 0.69 -24.99
C ASP A 188 6.54 0.66 -23.82
N CYS A 189 7.56 1.51 -23.88
CA CYS A 189 8.55 1.60 -22.81
C CYS A 189 8.75 3.01 -22.27
N ASN A 190 8.66 3.14 -20.95
CA ASN A 190 8.93 4.43 -20.33
C ASN A 190 10.12 4.25 -19.39
N GLY A 191 11.23 4.88 -19.74
CA GLY A 191 12.44 4.78 -18.94
C GLY A 191 12.83 6.07 -18.24
N GLY A 192 11.82 6.84 -17.85
CA GLY A 192 12.05 8.10 -17.16
C GLY A 192 12.11 7.95 -15.65
N ASP A 193 12.89 8.81 -15.01
CA ASP A 193 13.08 8.76 -13.57
C ASP A 193 12.69 10.10 -12.94
N HIS A 194 11.53 10.16 -12.29
CA HIS A 194 11.11 11.42 -11.67
C HIS A 194 11.94 11.80 -10.44
N GLY A 195 12.63 10.83 -9.85
CA GLY A 195 13.46 11.12 -8.69
C GLY A 195 12.87 10.70 -7.36
N TYR A 196 11.57 10.45 -7.34
CA TYR A 196 10.91 10.02 -6.12
C TYR A 196 10.88 8.50 -6.01
N PRO A 197 10.72 7.98 -4.79
CA PRO A 197 10.66 6.54 -4.58
C PRO A 197 9.45 5.96 -5.31
N PHE A 198 8.36 6.73 -5.33
CA PHE A 198 7.14 6.32 -6.02
C PHE A 198 6.26 7.54 -6.30
N ALA A 199 5.71 7.60 -7.51
CA ALA A 199 4.86 8.71 -7.91
C ALA A 199 4.09 8.36 -9.18
N THR A 200 2.91 8.93 -9.32
CA THR A 200 2.04 8.66 -10.46
C THR A 200 1.95 9.79 -11.48
N ASN A 201 2.13 9.45 -12.74
CA ASN A 201 2.07 10.43 -13.83
C ASN A 201 0.62 10.88 -14.08
N PHE A 202 -0.32 9.94 -13.93
CA PHE A 202 -1.74 10.17 -14.20
C PHE A 202 -2.67 10.15 -12.98
N ASN A 203 -3.93 9.83 -13.28
CA ASN A 203 -5.02 9.65 -12.31
C ASN A 203 -4.58 8.31 -11.71
N PRO A 204 -4.24 8.29 -10.42
CA PRO A 204 -3.78 7.05 -9.80
C PRO A 204 -4.66 5.80 -9.92
N GLU A 205 -5.88 5.93 -10.43
CA GLU A 205 -6.74 4.75 -10.55
C GLU A 205 -6.46 4.05 -11.87
N ILE A 206 -5.86 4.77 -12.82
CA ILE A 206 -5.53 4.19 -14.12
C ILE A 206 -4.39 3.21 -13.93
N ASN A 207 -3.47 3.57 -13.04
CA ASN A 207 -2.33 2.71 -12.74
C ASN A 207 -2.87 1.39 -12.20
N LEU A 208 -3.94 1.47 -11.41
CA LEU A 208 -4.53 0.28 -10.86
C LEU A 208 -5.15 -0.56 -11.96
N ARG A 209 -5.74 0.09 -12.95
CA ARG A 209 -6.35 -0.61 -14.06
C ARG A 209 -5.30 -1.40 -14.86
N GLU A 210 -4.15 -0.79 -15.08
CA GLU A 210 -3.10 -1.45 -15.85
C GLU A 210 -2.59 -2.74 -15.25
N VAL A 211 -2.19 -2.68 -13.99
CA VAL A 211 -1.63 -3.85 -13.33
C VAL A 211 -2.64 -4.91 -12.87
N SER A 212 -3.91 -4.55 -12.78
CA SER A 212 -4.89 -5.51 -12.30
C SER A 212 -5.93 -6.03 -13.30
N ALA A 213 -6.16 -5.30 -14.37
CA ALA A 213 -7.12 -5.77 -15.35
C ALA A 213 -6.50 -6.95 -16.10
N PRO A 214 -7.33 -7.93 -16.50
CA PRO A 214 -6.76 -9.06 -17.24
C PRO A 214 -6.10 -8.55 -18.50
N GLY A 215 -5.04 -9.23 -18.92
CA GLY A 215 -4.37 -8.80 -20.14
C GLY A 215 -4.90 -9.66 -21.26
N SER A 216 -4.93 -9.14 -22.47
CA SER A 216 -5.41 -9.92 -23.59
C SER A 216 -4.74 -9.54 -24.91
N TYR A 217 -4.74 -10.48 -25.84
CA TYR A 217 -4.18 -10.28 -27.17
C TYR A 217 -5.09 -10.96 -28.19
N TRP A 218 -4.69 -10.94 -29.46
CA TRP A 218 -5.50 -11.50 -30.51
C TRP A 218 -4.69 -12.53 -31.31
N GLU A 219 -5.25 -13.72 -31.56
CA GLU A 219 -4.55 -14.77 -32.32
C GLU A 219 -5.45 -15.62 -33.23
N ASP A 220 -5.21 -15.48 -34.52
CA ASP A 220 -5.95 -16.17 -35.57
C ASP A 220 -7.46 -16.13 -35.38
N GLY A 221 -7.99 -14.92 -35.49
CA GLY A 221 -9.41 -14.67 -35.38
C GLY A 221 -10.05 -14.76 -34.00
N LYS A 222 -9.26 -14.86 -32.94
CA LYS A 222 -9.83 -14.99 -31.61
C LYS A 222 -9.12 -14.18 -30.55
N TRP A 223 -9.87 -13.60 -29.63
CA TRP A 223 -9.24 -12.87 -28.55
C TRP A 223 -8.77 -13.90 -27.55
N VAL A 224 -7.71 -13.58 -26.84
CA VAL A 224 -7.19 -14.48 -25.85
C VAL A 224 -6.94 -13.65 -24.61
N GLU A 225 -7.65 -13.97 -23.53
CA GLU A 225 -7.49 -13.22 -22.30
C GLU A 225 -6.69 -14.06 -21.29
N VAL A 226 -5.95 -13.39 -20.40
CA VAL A 226 -5.12 -14.08 -19.41
C VAL A 226 -5.08 -13.34 -18.08
N GLU A 227 -4.53 -14.01 -17.07
CA GLU A 227 -4.42 -13.41 -15.74
C GLU A 227 -3.53 -12.16 -15.87
N ALA A 228 -3.88 -11.12 -15.13
CA ALA A 228 -3.13 -9.88 -15.17
C ALA A 228 -1.66 -10.07 -14.86
N SER A 230 0.54 -11.98 -16.03
CA SER A 230 1.00 -13.36 -16.04
C SER A 230 1.97 -13.68 -17.18
N ILE A 231 2.21 -12.72 -18.07
CA ILE A 231 3.15 -12.93 -19.18
C ILE A 231 4.23 -11.86 -19.13
N LYS A 232 5.45 -12.29 -18.83
CA LYS A 232 6.57 -11.37 -18.72
C LYS A 232 7.61 -11.60 -19.82
N ARG A 233 8.37 -10.55 -20.13
CA ARG A 233 9.42 -10.60 -21.14
C ARG A 233 10.42 -9.51 -20.86
N GLU A 234 11.51 -9.53 -21.61
CA GLU A 234 12.54 -8.52 -21.46
C GLU A 234 12.97 -8.09 -22.85
N TYR A 235 13.36 -6.84 -22.98
CA TYR A 235 13.77 -6.34 -24.28
C TYR A 235 14.78 -5.23 -24.05
N ASP A 236 15.77 -5.15 -24.93
CA ASP A 236 16.78 -4.12 -24.85
C ASP A 236 16.33 -2.99 -25.77
N PHE A 237 15.65 -2.01 -25.18
CA PHE A 237 15.12 -0.86 -25.90
C PHE A 237 16.13 0.15 -26.37
N PRO A 238 16.14 0.45 -27.67
CA PRO A 238 17.06 1.45 -28.24
C PRO A 238 17.08 2.73 -27.43
N GLN A 239 18.23 3.12 -26.94
CA GLN A 239 18.44 4.36 -26.18
C GLN A 239 17.98 4.32 -24.72
N VAL A 240 17.43 3.19 -24.29
CA VAL A 240 16.98 3.03 -22.92
C VAL A 240 17.69 1.86 -22.24
N GLY A 241 17.55 0.67 -22.78
CA GLY A 241 18.20 -0.48 -22.19
C GLY A 241 17.26 -1.63 -21.91
N GLN A 242 17.73 -2.59 -21.12
CA GLN A 242 16.92 -3.75 -20.74
C GLN A 242 15.86 -3.28 -19.78
N LYS A 243 14.63 -3.70 -20.03
CA LYS A 243 13.52 -3.33 -19.18
C LYS A 243 12.62 -4.54 -19.11
N ASP A 244 11.98 -4.73 -17.96
CA ASP A 244 11.06 -5.83 -17.83
C ASP A 244 9.80 -5.30 -18.45
N TYR A 246 5.58 -6.36 -19.59
CA TYR A 246 4.47 -7.29 -19.46
C TYR A 246 3.39 -7.08 -20.52
N LEU A 247 2.72 -8.15 -20.90
CA LEU A 247 1.64 -8.07 -21.88
C LEU A 247 0.38 -7.50 -21.24
N LEU A 248 -0.17 -6.45 -21.85
CA LEU A 248 -1.42 -5.86 -21.38
C LEU A 248 -2.34 -5.86 -22.60
N HIS A 249 -3.56 -5.39 -22.37
CA HIS A 249 -4.54 -5.28 -23.43
C HIS A 249 -4.44 -3.84 -23.96
N HIS A 250 -4.77 -3.63 -25.22
CA HIS A 250 -4.74 -2.28 -25.72
C HIS A 250 -5.81 -2.07 -26.76
N GLU A 251 -6.29 -0.83 -26.86
CA GLU A 251 -7.34 -0.50 -27.81
C GLU A 251 -7.05 -0.90 -29.24
N GLU A 252 -5.89 -0.46 -29.75
CA GLU A 252 -5.57 -0.71 -31.14
C GLU A 252 -5.51 -2.15 -31.60
N ILE A 253 -5.40 -3.09 -30.67
CA ILE A 253 -5.36 -4.47 -31.10
C ILE A 253 -6.64 -4.80 -31.87
N GLU A 254 -7.76 -4.26 -31.40
CA GLU A 254 -9.04 -4.50 -32.03
C GLU A 254 -9.14 -3.95 -33.45
N SER A 255 -8.73 -2.71 -33.65
CA SER A 255 -8.84 -2.14 -35.00
C SER A 255 -7.83 -2.79 -35.93
N LEU A 256 -6.64 -3.08 -35.42
CA LEU A 256 -5.62 -3.69 -36.23
C LEU A 256 -6.03 -5.06 -36.71
N ALA A 257 -6.62 -5.86 -35.84
CA ALA A 257 -7.04 -7.22 -36.22
C ALA A 257 -8.08 -7.21 -37.33
N LYS A 258 -8.84 -6.12 -37.41
CA LYS A 258 -9.86 -5.97 -38.40
C LYS A 258 -9.32 -5.45 -39.74
N ASN A 259 -8.38 -4.50 -39.64
CA ASN A 259 -7.81 -3.80 -40.79
C ASN A 259 -6.52 -4.22 -41.45
N ILE A 260 -5.75 -5.08 -40.81
CA ILE A 260 -4.51 -5.56 -41.39
C ILE A 260 -4.80 -6.97 -41.93
N PRO A 261 -4.98 -7.08 -43.26
CA PRO A 261 -5.26 -8.33 -43.98
C PRO A 261 -4.37 -9.51 -43.62
N GLY A 262 -4.97 -10.67 -43.38
CA GLY A 262 -4.21 -11.86 -43.07
C GLY A 262 -3.36 -11.85 -41.82
N VAL A 263 -3.54 -10.83 -40.98
CA VAL A 263 -2.75 -10.77 -39.76
C VAL A 263 -3.07 -11.97 -38.85
N LYS A 264 -2.02 -12.55 -38.28
CA LYS A 264 -2.16 -13.74 -37.45
C LYS A 264 -2.14 -13.53 -35.96
N ARG A 265 -1.29 -12.63 -35.48
CA ARG A 265 -1.25 -12.41 -34.05
C ARG A 265 -0.85 -10.98 -33.74
N ILE A 266 -1.49 -10.41 -32.72
CA ILE A 266 -1.21 -9.05 -32.32
C ILE A 266 -1.14 -8.95 -30.79
N ARG A 267 0.01 -8.50 -30.30
CA ARG A 267 0.24 -8.34 -28.86
C ARG A 267 0.73 -6.93 -28.55
N PHE A 268 0.51 -6.51 -27.31
CA PHE A 268 0.97 -5.20 -26.83
C PHE A 268 1.61 -5.41 -25.45
N PHE A 269 2.85 -4.98 -25.29
CA PHE A 269 3.55 -5.11 -24.02
C PHE A 269 3.89 -3.73 -23.48
N THR A 271 6.26 -1.67 -20.19
CA THR A 271 7.31 -1.85 -19.20
C THR A 271 6.84 -1.55 -17.78
N PHE A 272 7.38 -2.28 -16.82
CA PHE A 272 7.06 -2.05 -15.40
C PHE A 272 8.30 -2.40 -14.55
N GLY A 273 8.86 -1.37 -13.92
CA GLY A 273 10.02 -1.54 -13.07
C GLY A 273 9.58 -2.31 -11.83
N GLN A 274 10.47 -3.09 -11.24
CA GLN A 274 10.11 -3.89 -10.07
C GLN A 274 9.73 -3.09 -8.84
N SER A 275 10.43 -1.99 -8.59
CA SER A 275 10.13 -1.16 -7.45
C SER A 275 8.71 -0.64 -7.57
N TYR A 276 8.31 -0.28 -8.78
CA TYR A 276 6.97 0.23 -9.01
C TYR A 276 5.95 -0.86 -8.70
N LEU A 277 6.18 -2.04 -9.28
CA LEU A 277 5.29 -3.16 -9.09
C LEU A 277 5.11 -3.58 -7.64
N THR A 278 6.20 -3.56 -6.87
CA THR A 278 6.09 -3.93 -5.47
C THR A 278 5.43 -2.82 -4.68
N HIS A 279 5.73 -1.57 -5.02
CA HIS A 279 5.13 -0.43 -4.34
C HIS A 279 3.64 -0.45 -4.46
N LYS A 281 1.57 -3.39 -5.11
CA LYS A 281 0.82 -4.52 -4.61
C LYS A 281 0.86 -4.23 -3.11
N CYS A 282 1.78 -3.36 -2.68
CA CYS A 282 1.87 -2.98 -1.27
C CYS A 282 0.70 -2.07 -0.92
N LEU A 283 0.53 -1.03 -1.72
CA LEU A 283 -0.54 -0.07 -1.50
C LEU A 283 -1.93 -0.67 -1.64
N GLU A 284 -2.07 -1.65 -2.52
CA GLU A 284 -3.37 -2.27 -2.70
C GLU A 284 -3.61 -3.31 -1.61
N ASN A 285 -2.54 -3.75 -0.93
CA ASN A 285 -2.67 -4.72 0.15
C ASN A 285 -3.18 -4.03 1.42
N VAL A 286 -2.68 -2.82 1.67
CA VAL A 286 -3.14 -2.07 2.83
C VAL A 286 -4.45 -1.39 2.42
N GLY A 287 -4.94 -1.78 1.25
CA GLY A 287 -6.18 -1.25 0.71
C GLY A 287 -6.22 0.26 0.54
N LEU A 288 -5.08 0.84 0.19
CA LEU A 288 -5.01 2.28 0.02
C LEU A 288 -5.41 2.70 -1.40
N LEU A 289 -5.66 1.72 -2.27
CA LEU A 289 -6.06 2.02 -3.64
C LEU A 289 -7.56 1.75 -3.79
N ARG A 290 -8.12 0.98 -2.86
CA ARG A 290 -9.53 0.61 -2.93
C ARG A 290 -10.48 1.82 -3.00
N THR A 291 -11.68 1.58 -3.54
CA THR A 291 -12.67 2.64 -3.71
C THR A 291 -13.77 2.59 -2.69
N ASP A 292 -13.85 1.49 -1.95
CA ASP A 292 -14.87 1.34 -0.93
C ASP A 292 -14.87 2.68 -0.19
N THR A 293 -15.94 3.42 -0.31
CA THR A 293 -16.01 4.65 0.45
C THR A 293 -15.95 4.24 1.92
N ILE A 294 -15.45 5.14 2.76
CA ILE A 294 -15.23 4.86 4.16
C ILE A 294 -15.22 6.16 4.94
N ASN A 295 -15.38 6.10 6.27
CA ASN A 295 -15.38 7.30 7.11
C ASN A 295 -14.72 7.05 8.47
N PHE A 296 -14.39 8.10 9.21
CA PHE A 296 -14.53 9.49 8.78
C PHE A 296 -13.61 10.40 9.57
N ILE A 301 -14.26 10.72 2.98
CA ILE A 301 -12.96 10.43 2.40
C ILE A 301 -12.85 8.98 2.00
N VAL A 302 -12.61 8.69 0.74
CA VAL A 302 -12.38 7.35 0.25
C VAL A 302 -10.85 7.37 0.14
N PRO A 303 -10.15 6.21 0.36
CA PRO A 303 -8.68 6.34 0.26
C PRO A 303 -7.90 6.66 -0.99
N ILE A 304 -8.19 5.93 -2.07
CA ILE A 304 -7.39 6.09 -3.28
C ILE A 304 -7.05 7.52 -3.61
N GLN A 305 -7.96 8.45 -3.33
CA GLN A 305 -7.67 9.84 -3.61
C GLN A 305 -7.16 10.56 -2.35
N PHE A 306 -7.07 9.86 -1.24
CA PHE A 306 -6.47 10.46 -0.06
C PHE A 306 -4.99 10.25 -0.36
N LEU A 307 -4.70 9.14 -1.05
CA LEU A 307 -3.34 8.82 -1.45
C LEU A 307 -2.91 9.86 -2.47
N LYS A 308 -3.85 10.25 -3.34
CA LYS A 308 -3.61 11.26 -4.38
C LYS A 308 -3.14 12.57 -3.74
N ALA A 309 -3.53 12.78 -2.50
CA ALA A 309 -3.17 13.98 -1.76
C ALA A 309 -1.74 13.90 -1.21
N LEU A 310 -1.36 12.73 -0.72
CA LEU A 310 -0.03 12.50 -0.14
C LEU A 310 1.07 12.36 -1.15
N LEU A 311 0.73 11.93 -2.35
CA LEU A 311 1.75 11.75 -3.35
C LEU A 311 2.23 13.10 -3.89
N PRO A 312 3.39 13.11 -4.56
CA PRO A 312 4.04 14.26 -5.17
C PRO A 312 3.09 15.05 -6.08
N ASP A 313 3.40 16.34 -6.28
CA ASP A 313 2.59 17.23 -7.12
C ASP A 313 2.08 16.49 -8.37
N PRO A 314 0.80 16.71 -8.72
CA PRO A 314 0.17 16.05 -9.88
C PRO A 314 1.00 16.01 -11.16
N ALA A 315 1.30 17.20 -11.67
CA ALA A 315 2.02 17.37 -12.92
C ALA A 315 3.40 18.01 -12.79
N SER A 316 3.86 18.21 -11.56
CA SER A 316 5.19 18.81 -11.37
C SER A 316 6.29 17.74 -11.38
N LEU A 317 6.09 16.72 -12.22
CA LEU A 317 7.07 15.67 -12.42
C LEU A 317 7.66 16.03 -13.79
N GLY A 318 6.93 16.86 -14.53
CA GLY A 318 7.37 17.30 -15.84
C GLY A 318 8.76 17.94 -15.85
N PRO A 319 9.08 18.86 -14.91
CA PRO A 319 10.41 19.49 -14.85
C PRO A 319 11.47 18.60 -14.21
N ARG A 320 11.02 17.73 -13.30
CA ARG A 320 11.90 16.82 -12.57
C ARG A 320 12.39 15.57 -13.31
N THR A 321 11.47 14.93 -14.04
CA THR A 321 11.76 13.70 -14.79
C THR A 321 12.93 13.70 -15.77
N VAL A 322 13.82 12.72 -15.58
CA VAL A 322 14.96 12.52 -16.47
C VAL A 322 14.82 11.13 -17.06
N GLY A 323 15.02 11.01 -18.36
CA GLY A 323 14.89 9.71 -18.98
C GLY A 323 14.29 9.76 -20.38
N LYS A 324 13.97 8.57 -20.92
CA LYS A 324 13.43 8.49 -22.26
C LYS A 324 12.33 7.46 -22.43
N THR A 325 11.46 7.68 -23.42
CA THR A 325 10.41 6.71 -23.72
C THR A 325 10.74 6.20 -25.11
N ASN A 326 10.25 4.99 -25.40
CA ASN A 326 10.47 4.37 -26.69
C ASN A 326 9.23 3.55 -26.98
N ILE A 327 8.42 4.01 -27.92
CA ILE A 327 7.22 3.28 -28.27
C ILE A 327 7.30 2.91 -29.74
N GLY A 328 7.11 1.63 -30.03
CA GLY A 328 7.18 1.21 -31.42
C GLY A 328 6.50 -0.11 -31.68
N CYS A 329 6.68 -0.64 -32.88
CA CYS A 329 6.08 -1.90 -33.26
C CYS A 329 7.01 -2.81 -34.03
N ILE A 330 6.99 -4.09 -33.68
CA ILE A 330 7.80 -5.08 -34.37
C ILE A 330 6.85 -5.89 -35.26
N PHE A 331 7.09 -5.81 -36.57
CA PHE A 331 6.26 -6.48 -37.55
C PHE A 331 6.97 -7.68 -38.15
N THR A 332 6.23 -8.75 -38.39
CA THR A 332 6.79 -9.91 -39.07
C THR A 332 5.83 -10.21 -40.19
N GLY A 333 6.36 -10.25 -41.41
CA GLY A 333 5.52 -10.49 -42.56
C GLY A 333 6.26 -11.10 -43.71
N VAL A 334 5.69 -10.97 -44.90
CA VAL A 334 6.26 -11.56 -46.09
C VAL A 334 6.36 -10.51 -47.19
N LYS A 335 7.51 -10.47 -47.86
CA LYS A 335 7.70 -9.56 -48.97
C LYS A 335 8.38 -10.39 -50.05
N ASP A 336 7.73 -10.46 -51.21
CA ASP A 336 8.23 -11.22 -52.34
C ASP A 336 8.47 -12.69 -51.92
N GLY A 337 7.50 -13.23 -51.21
CA GLY A 337 7.57 -14.60 -50.75
C GLY A 337 8.68 -14.88 -49.77
N VAL A 338 9.16 -13.85 -49.09
CA VAL A 338 10.24 -14.04 -48.11
C VAL A 338 9.91 -13.37 -46.79
N GLU A 339 10.15 -14.10 -45.70
CA GLU A 339 9.89 -13.58 -44.37
C GLU A 339 10.74 -12.35 -44.11
N LYS A 340 10.19 -11.37 -43.39
CA LYS A 340 10.89 -10.14 -43.10
C LYS A 340 10.43 -9.56 -41.77
N THR A 341 11.35 -8.98 -41.00
CA THR A 341 10.97 -8.36 -39.75
C THR A 341 11.41 -6.91 -39.75
N ILE A 342 10.55 -6.06 -39.23
CA ILE A 342 10.76 -4.63 -39.21
C ILE A 342 10.35 -4.05 -37.86
N TYR A 343 11.09 -3.06 -37.40
CA TYR A 343 10.81 -2.42 -36.12
C TYR A 343 10.76 -0.91 -36.37
N ILE A 344 9.64 -0.28 -36.05
CA ILE A 344 9.53 1.17 -36.24
C ILE A 344 9.27 1.73 -34.85
N TYR A 345 10.03 2.75 -34.45
CA TYR A 345 9.79 3.30 -33.13
C TYR A 345 10.18 4.75 -33.04
N ASN A 346 9.79 5.38 -31.93
CA ASN A 346 10.15 6.77 -31.69
C ASN A 346 10.71 6.85 -30.30
N VAL A 347 11.84 7.51 -30.17
CA VAL A 347 12.45 7.70 -28.86
C VAL A 347 12.24 9.15 -28.51
N CYS A 348 11.55 9.37 -27.40
CA CYS A 348 11.24 10.72 -26.94
C CYS A 348 11.97 10.95 -25.61
N ASP A 349 12.60 12.11 -25.49
CA ASP A 349 13.33 12.46 -24.28
C ASP A 349 12.53 13.42 -23.39
N HIS A 350 12.34 13.05 -22.13
CA HIS A 350 11.56 13.84 -21.19
C HIS A 350 11.92 15.31 -20.99
N GLN A 351 13.20 15.59 -20.77
CA GLN A 351 13.64 16.97 -20.54
C GLN A 351 13.57 17.85 -21.80
N GLU A 352 13.54 17.24 -22.97
CA GLU A 352 13.42 18.01 -24.19
C GLU A 352 11.96 18.41 -24.30
N CYS A 353 11.09 17.55 -23.82
CA CYS A 353 9.66 17.83 -23.85
C CYS A 353 9.29 18.94 -22.88
N TYR A 354 9.94 18.97 -21.71
CA TYR A 354 9.60 20.01 -20.76
C TYR A 354 10.24 21.34 -21.13
N ALA A 355 11.33 21.29 -21.86
CA ALA A 355 12.00 22.53 -22.24
C ALA A 355 11.28 23.21 -23.39
N GLU A 356 10.57 22.41 -24.19
CA GLU A 356 9.87 22.92 -25.37
C GLU A 356 8.44 23.43 -25.16
N VAL A 357 7.61 22.59 -24.54
CA VAL A 357 6.22 22.92 -24.32
C VAL A 357 5.84 22.83 -22.83
N GLY A 358 6.81 22.41 -22.03
CA GLY A 358 6.60 22.31 -20.60
C GLY A 358 5.79 21.14 -20.08
N SER A 359 6.04 19.94 -20.59
CA SER A 359 5.31 18.74 -20.19
C SER A 359 6.21 17.51 -20.18
N GLN A 360 5.68 16.39 -19.70
CA GLN A 360 6.46 15.14 -19.72
C GLN A 360 6.27 14.51 -21.11
N ALA A 361 7.04 13.47 -21.40
CA ALA A 361 6.96 12.81 -22.69
C ALA A 361 5.68 11.99 -22.89
N ILE A 362 5.01 11.62 -21.80
CA ILE A 362 3.78 10.84 -21.94
C ILE A 362 2.72 11.74 -22.56
N SER A 363 2.68 12.99 -22.15
CA SER A 363 1.71 13.92 -22.71
C SER A 363 2.13 14.34 -24.11
N TYR A 364 3.44 14.47 -24.29
CA TYR A 364 4.00 14.89 -25.54
C TYR A 364 3.70 13.93 -26.68
N THR A 365 4.03 12.66 -26.46
CA THR A 365 3.83 11.65 -27.48
C THR A 365 2.37 11.40 -27.83
N THR A 366 1.44 11.93 -27.04
CA THR A 366 0.05 11.76 -27.38
C THR A 366 -0.43 13.08 -27.98
N GLY A 367 -0.04 14.18 -27.34
CA GLY A 367 -0.41 15.51 -27.82
C GLY A 367 -0.01 15.83 -29.25
N VAL A 368 1.25 15.55 -29.62
CA VAL A 368 1.71 15.82 -30.98
C VAL A 368 0.91 15.07 -32.05
N PRO A 369 0.68 13.75 -31.89
CA PRO A 369 -0.10 12.99 -32.87
C PRO A 369 -1.53 13.51 -32.96
N ALA A 370 -2.05 14.00 -31.84
CA ALA A 370 -3.42 14.52 -31.81
C ALA A 370 -3.51 15.72 -32.74
N ILE A 372 -1.48 16.49 -35.24
CA ILE A 372 -1.27 16.05 -36.62
C ILE A 372 -2.54 15.44 -37.19
N GLY A 373 -3.16 14.54 -36.43
CA GLY A 373 -4.41 13.93 -36.87
C GLY A 373 -5.41 15.04 -37.16
N THR A 374 -5.46 16.04 -36.30
CA THR A 374 -6.37 17.16 -36.52
C THR A 374 -6.00 17.97 -37.79
N LYS A 375 -4.71 18.27 -37.95
CA LYS A 375 -4.21 19.01 -39.11
C LYS A 375 -4.60 18.35 -40.43
N LEU A 376 -4.30 17.06 -40.56
CA LEU A 376 -4.63 16.32 -41.78
C LEU A 376 -6.13 16.27 -42.10
N VAL A 377 -6.96 16.28 -41.08
CA VAL A 377 -8.39 16.24 -41.31
C VAL A 377 -8.83 17.59 -41.85
N ASN A 379 -6.95 20.14 -43.08
CA ASN A 379 -6.29 20.62 -44.28
C ASN A 379 -6.68 19.83 -45.53
N GLY A 380 -7.58 18.86 -45.33
CA GLY A 380 -8.10 18.07 -46.43
C GLY A 380 -7.47 16.72 -46.74
N THR A 381 -6.25 16.53 -46.29
CA THR A 381 -5.52 15.29 -46.57
C THR A 381 -6.28 14.03 -46.12
N TRP A 382 -6.91 14.13 -44.95
CA TRP A 382 -7.61 12.98 -44.40
C TRP A 382 -9.11 13.16 -44.21
N LYS A 383 -9.69 14.13 -44.93
CA LYS A 383 -11.13 14.38 -44.84
C LYS A 383 -11.92 13.40 -45.74
N GLN A 384 -12.46 12.35 -45.13
CA GLN A 384 -13.30 11.37 -45.83
C GLN A 384 -14.50 11.09 -44.94
N ALA A 385 -15.68 11.07 -45.51
CA ALA A 385 -16.88 10.82 -44.72
C ALA A 385 -16.81 9.44 -44.12
N GLY A 386 -17.16 9.35 -42.84
CA GLY A 386 -17.13 8.08 -42.15
C GLY A 386 -16.31 8.10 -40.87
N VAL A 387 -16.27 6.96 -40.22
CA VAL A 387 -15.53 6.79 -38.98
C VAL A 387 -14.30 5.99 -39.33
N TYR A 388 -13.13 6.45 -38.89
CA TYR A 388 -11.87 5.77 -39.21
C TYR A 388 -10.83 5.62 -38.12
N ASN A 389 -10.08 4.52 -38.21
CA ASN A 389 -8.96 4.33 -37.33
C ASN A 389 -7.81 4.68 -38.28
N LEU A 390 -6.69 5.13 -37.73
CA LEU A 390 -5.58 5.58 -38.55
C LEU A 390 -4.95 4.65 -39.60
N GLU A 391 -5.01 3.33 -39.40
CA GLU A 391 -4.41 2.42 -40.36
C GLU A 391 -5.15 2.41 -41.71
N GLU A 392 -6.36 2.94 -41.73
CA GLU A 392 -7.19 2.95 -42.93
C GLU A 392 -6.88 4.12 -43.87
N LEU A 393 -6.02 5.03 -43.42
CA LEU A 393 -5.69 6.20 -44.22
C LEU A 393 -4.25 6.17 -44.72
N ASP A 394 -3.93 7.04 -45.68
CA ASP A 394 -2.59 7.13 -46.24
C ASP A 394 -1.67 7.54 -45.10
N PRO A 395 -0.69 6.70 -44.77
CA PRO A 395 0.25 6.98 -43.68
C PRO A 395 1.31 8.04 -43.97
N ASP A 396 1.63 8.20 -45.25
CA ASP A 396 2.68 9.13 -45.67
C ASP A 396 2.71 10.55 -45.11
N PRO A 397 1.66 11.35 -45.33
CA PRO A 397 1.71 12.71 -44.78
C PRO A 397 1.80 12.78 -43.26
N PHE A 398 1.38 11.70 -42.60
CA PHE A 398 1.43 11.66 -41.16
C PHE A 398 2.87 11.43 -40.73
N GLU A 400 5.46 12.19 -42.18
CA GLU A 400 6.26 13.36 -42.46
C GLU A 400 6.03 14.37 -41.35
N ALA A 401 4.76 14.60 -41.02
CA ALA A 401 4.43 15.55 -39.96
C ALA A 401 5.11 15.12 -38.66
N LEU A 402 5.23 13.81 -38.46
CA LEU A 402 5.88 13.33 -37.26
C LEU A 402 7.34 13.78 -37.22
N ASN A 403 8.03 13.75 -38.37
CA ASN A 403 9.44 14.17 -38.39
C ASN A 403 9.53 15.67 -38.20
N GLU A 404 8.60 16.37 -38.83
CA GLU A 404 8.53 17.82 -38.78
C GLU A 404 8.11 18.38 -37.42
N TYR A 405 7.19 17.71 -36.75
CA TYR A 405 6.68 18.24 -35.49
C TYR A 405 7.16 17.74 -34.15
N GLY A 406 8.29 17.03 -34.12
CA GLY A 406 8.81 16.61 -32.84
C GLY A 406 8.96 15.15 -32.52
N LEU A 407 8.41 14.27 -33.33
CA LEU A 407 8.52 12.84 -33.06
C LEU A 407 9.14 12.05 -34.18
N PRO A 408 10.43 12.29 -34.45
CA PRO A 408 11.09 11.55 -35.53
C PRO A 408 11.06 10.07 -35.20
N TRP A 409 10.93 9.23 -36.23
CA TRP A 409 10.87 7.79 -36.04
C TRP A 409 12.09 7.09 -36.63
N VAL A 410 12.25 5.82 -36.29
CA VAL A 410 13.37 5.01 -36.73
C VAL A 410 12.87 3.67 -37.29
N VAL A 411 13.47 3.18 -38.37
CA VAL A 411 13.06 1.90 -38.94
C VAL A 411 14.26 0.95 -38.94
N VAL A 412 14.09 -0.21 -38.30
CA VAL A 412 15.14 -1.22 -38.18
C VAL A 412 14.81 -2.52 -38.89
N GLU A 413 15.60 -2.93 -39.89
CA GLU A 413 15.33 -4.19 -40.57
C GLU A 413 16.16 -5.28 -39.87
N ASN A 414 15.51 -6.40 -39.58
CA ASN A 414 16.06 -7.54 -38.85
C ASN A 414 16.37 -7.15 -37.41
N PRO A 415 15.35 -6.71 -36.66
CA PRO A 415 15.56 -6.30 -35.26
C PRO A 415 15.54 -7.47 -34.31
N GLN A 416 15.72 -7.17 -33.04
CA GLN A 416 15.70 -8.17 -32.00
C GLN A 416 14.24 -8.49 -31.73
N VAL A 418 10.94 -10.22 -29.60
CA VAL A 418 10.55 -10.33 -28.20
C VAL A 418 10.77 -11.79 -27.80
N ASP A 419 10.36 -12.72 -28.66
CA ASP A 419 10.56 -14.14 -28.41
C ASP A 419 11.84 -14.65 -29.07
N SER B 2 -11.43 -14.83 43.94
CA SER B 2 -12.65 -15.31 43.26
C SER B 2 -13.34 -14.19 42.47
N ARG B 3 -13.08 -12.94 42.86
CA ARG B 3 -13.68 -11.78 42.20
C ARG B 3 -12.60 -10.88 41.58
N LEU B 4 -12.64 -10.74 40.26
CA LEU B 4 -11.64 -9.96 39.53
C LEU B 4 -12.14 -8.85 38.61
N LEU B 5 -11.42 -7.73 38.60
CA LEU B 5 -11.73 -6.61 37.71
C LEU B 5 -10.64 -6.61 36.65
N VAL B 6 -11.05 -6.68 35.38
CA VAL B 6 -10.12 -6.66 34.24
C VAL B 6 -10.32 -5.36 33.49
N ILE B 7 -9.27 -4.55 33.37
CA ILE B 7 -9.33 -3.27 32.67
C ILE B 7 -8.69 -3.32 31.28
N GLY B 8 -9.49 -3.03 30.27
CA GLY B 8 -8.98 -3.06 28.90
C GLY B 8 -9.77 -4.12 28.18
N CYS B 9 -9.87 -4.03 26.85
CA CYS B 9 -10.64 -5.04 26.13
C CYS B 9 -10.22 -5.16 24.67
N GLY B 10 -8.91 -5.09 24.44
CA GLY B 10 -8.38 -5.21 23.10
C GLY B 10 -8.06 -6.66 22.79
N GLY B 11 -7.00 -6.87 22.02
CA GLY B 11 -6.59 -8.21 21.65
C GLY B 11 -6.14 -9.08 22.82
N VAL B 12 -5.15 -8.61 23.55
CA VAL B 12 -4.62 -9.32 24.70
C VAL B 12 -5.74 -9.67 25.67
N ALA B 13 -6.53 -8.66 26.05
CA ALA B 13 -7.61 -8.87 26.99
C ALA B 13 -8.61 -9.93 26.51
N GLN B 14 -8.88 -9.94 25.21
CA GLN B 14 -9.83 -10.89 24.66
C GLN B 14 -9.40 -12.32 24.90
N VAL B 15 -8.10 -12.55 24.73
CA VAL B 15 -7.54 -13.87 24.95
C VAL B 15 -7.53 -14.18 26.44
N ALA B 16 -6.98 -13.25 27.22
CA ALA B 16 -6.88 -13.40 28.66
C ALA B 16 -8.21 -13.74 29.32
N ILE B 17 -9.23 -12.93 29.07
CA ILE B 17 -10.53 -13.21 29.64
C ILE B 17 -11.01 -14.59 29.20
N SER B 18 -10.79 -14.92 27.93
CA SER B 18 -11.18 -16.24 27.42
C SER B 18 -10.54 -17.32 28.27
N LYS B 19 -9.23 -17.21 28.49
CA LYS B 19 -8.50 -18.19 29.30
C LYS B 19 -8.97 -18.19 30.75
N ILE B 20 -9.23 -16.99 31.27
CA ILE B 20 -9.68 -16.81 32.66
C ILE B 20 -10.98 -17.56 32.93
N CYS B 21 -11.92 -17.43 32.00
CA CYS B 21 -13.21 -18.09 32.15
C CYS B 21 -13.11 -19.62 32.02
N GLN B 22 -12.01 -20.09 31.44
CA GLN B 22 -11.80 -21.53 31.28
C GLN B 22 -11.41 -22.13 32.63
N ASP B 23 -11.06 -21.27 33.58
CA ASP B 23 -10.67 -21.72 34.93
C ASP B 23 -11.62 -21.06 35.93
N SER B 24 -12.91 -21.28 35.72
CA SER B 24 -13.95 -20.70 36.58
C SER B 24 -13.94 -21.12 38.04
N GLU B 25 -13.22 -22.17 38.40
CA GLU B 25 -13.23 -22.55 39.80
C GLU B 25 -12.29 -21.61 40.55
N THR B 26 -11.37 -20.97 39.83
CA THR B 26 -10.47 -20.00 40.45
C THR B 26 -11.12 -18.61 40.31
N PHE B 27 -11.60 -18.29 39.11
CA PHE B 27 -12.25 -17.01 38.85
C PHE B 27 -13.79 -17.17 38.76
N THR B 28 -14.49 -17.01 39.87
CA THR B 28 -15.94 -17.19 39.86
C THR B 28 -16.69 -16.09 39.12
N GLU B 29 -16.30 -14.83 39.34
CA GLU B 29 -16.94 -13.74 38.63
C GLU B 29 -15.89 -12.73 38.26
N ILE B 30 -15.99 -12.20 37.05
CA ILE B 30 -15.04 -11.19 36.58
C ILE B 30 -15.80 -10.01 36.04
N ILE B 32 -15.40 -6.90 33.14
CA ILE B 32 -14.64 -6.45 31.99
C ILE B 32 -14.97 -5.00 31.75
N ALA B 33 -14.05 -4.10 32.10
CA ALA B 33 -14.31 -2.68 31.94
C ALA B 33 -13.22 -1.94 31.16
N SER B 34 -13.62 -1.18 30.14
CA SER B 34 -12.66 -0.40 29.37
C SER B 34 -13.27 0.87 28.79
N ARG B 35 -12.47 1.59 28.01
CA ARG B 35 -12.91 2.84 27.41
C ARG B 35 -14.21 2.72 26.63
N THR B 36 -14.27 1.77 25.69
CA THR B 36 -15.47 1.56 24.90
C THR B 36 -16.19 0.31 25.40
N LYS B 37 -17.26 0.53 26.15
CA LYS B 37 -18.01 -0.59 26.71
C LYS B 37 -18.61 -1.56 25.71
N SER B 38 -18.78 -1.14 24.46
CA SER B 38 -19.38 -2.02 23.47
C SER B 38 -18.60 -3.31 23.26
N LYS B 39 -17.27 -3.22 23.22
CA LYS B 39 -16.46 -4.42 23.04
C LYS B 39 -16.58 -5.35 24.25
N CYS B 40 -16.68 -4.78 25.44
CA CYS B 40 -16.82 -5.55 26.67
C CYS B 40 -18.08 -6.39 26.62
N ASP B 41 -19.15 -5.80 26.07
CA ASP B 41 -20.43 -6.48 25.95
C ASP B 41 -20.40 -7.57 24.89
N ASP B 42 -19.82 -7.27 23.73
CA ASP B 42 -19.76 -8.26 22.65
C ASP B 42 -18.96 -9.47 23.10
N LEU B 43 -17.88 -9.19 23.82
CA LEU B 43 -17.02 -10.24 24.35
C LEU B 43 -17.80 -11.05 25.37
N LYS B 44 -18.56 -10.36 26.22
CA LYS B 44 -19.38 -11.00 27.25
C LYS B 44 -20.43 -11.93 26.66
N ALA B 45 -21.09 -11.47 25.59
CA ALA B 45 -22.09 -12.28 24.93
C ALA B 45 -21.39 -13.48 24.29
N LYS B 46 -20.30 -13.20 23.58
CA LYS B 46 -19.53 -14.21 22.89
C LYS B 46 -18.97 -15.33 23.77
N LEU B 47 -18.85 -15.07 25.08
CA LEU B 47 -18.30 -16.07 26.00
C LEU B 47 -19.29 -16.75 26.95
N GLU B 48 -20.06 -15.96 27.70
CA GLU B 48 -21.00 -16.53 28.66
C GLU B 48 -21.95 -17.51 28.01
N GLY B 49 -22.11 -18.65 28.66
CA GLY B 49 -22.95 -19.70 28.12
C GLY B 49 -22.00 -20.83 27.79
N LYS B 50 -20.74 -20.46 27.55
CA LYS B 50 -19.68 -21.43 27.27
C LYS B 50 -18.88 -21.52 28.56
N THR B 51 -19.14 -20.59 29.47
CA THR B 51 -18.47 -20.58 30.76
C THR B 51 -19.48 -20.41 31.87
N SER B 52 -19.09 -20.81 33.08
CA SER B 52 -19.94 -20.66 34.26
C SER B 52 -19.50 -19.44 35.08
N THR B 53 -18.43 -18.78 34.62
CA THR B 53 -17.94 -17.58 35.31
C THR B 53 -18.96 -16.47 35.09
N LYS B 54 -19.35 -15.79 36.16
CA LYS B 54 -20.31 -14.71 36.05
C LYS B 54 -19.63 -13.45 35.54
N ILE B 55 -20.09 -12.98 34.38
CA ILE B 55 -19.48 -11.83 33.70
C ILE B 55 -20.26 -10.50 33.73
N GLU B 56 -19.63 -9.45 34.26
CA GLU B 56 -20.24 -8.13 34.26
C GLU B 56 -19.38 -7.20 33.43
N THR B 57 -19.98 -6.12 32.92
CA THR B 57 -19.25 -5.18 32.07
C THR B 57 -19.50 -3.73 32.47
N ALA B 58 -18.56 -2.85 32.12
CA ALA B 58 -18.68 -1.44 32.46
C ALA B 58 -17.81 -0.57 31.57
N ALA B 59 -18.17 0.70 31.48
CA ALA B 59 -17.38 1.64 30.73
C ALA B 59 -16.47 2.24 31.79
N LEU B 60 -15.25 2.57 31.41
CA LEU B 60 -14.31 3.15 32.35
C LEU B 60 -13.17 3.80 31.61
N ASP B 61 -12.83 5.02 32.01
CA ASP B 61 -11.70 5.70 31.41
C ASP B 61 -10.66 5.57 32.50
N ALA B 62 -9.85 4.53 32.37
CA ALA B 62 -8.82 4.23 33.34
C ALA B 62 -7.72 5.30 33.46
N ASP B 63 -7.93 6.44 32.78
CA ASP B 63 -6.96 7.53 32.86
C ASP B 63 -7.28 8.42 34.07
N LYS B 64 -8.50 8.31 34.59
CA LYS B 64 -8.90 9.11 35.74
C LYS B 64 -9.03 8.19 36.95
N VAL B 65 -8.12 8.38 37.91
CA VAL B 65 -8.03 7.56 39.10
C VAL B 65 -9.28 7.42 39.98
N GLU B 66 -10.04 8.49 40.15
CA GLU B 66 -11.22 8.43 40.98
C GLU B 66 -12.30 7.51 40.39
N GLU B 67 -12.38 7.50 39.06
CA GLU B 67 -13.36 6.66 38.34
C GLU B 67 -12.99 5.20 38.58
N VAL B 68 -11.70 4.92 38.67
CA VAL B 68 -11.24 3.56 38.90
C VAL B 68 -11.56 3.15 40.34
N ILE B 69 -11.22 4.01 41.29
CA ILE B 69 -11.46 3.75 42.70
C ILE B 69 -12.96 3.52 42.97
N ALA B 70 -13.80 4.36 42.38
CA ALA B 70 -15.24 4.23 42.55
C ALA B 70 -15.73 2.89 42.01
N LEU B 71 -15.08 2.41 40.95
CA LEU B 71 -15.45 1.12 40.36
C LEU B 71 -15.00 -0.03 41.27
N ILE B 72 -13.77 0.05 41.77
CA ILE B 72 -13.25 -0.96 42.69
C ILE B 72 -14.09 -1.02 43.96
N GLY B 73 -14.45 0.15 44.51
CA GLY B 73 -15.26 0.21 45.72
C GLY B 73 -16.66 -0.37 45.52
N SER B 74 -17.17 -0.17 44.30
CA SER B 74 -18.49 -0.65 43.91
C SER B 74 -18.50 -2.14 43.61
N TYR B 75 -17.54 -2.60 42.81
CA TYR B 75 -17.46 -4.00 42.42
C TYR B 75 -16.75 -4.89 43.44
N LYS B 76 -15.91 -4.29 44.27
CA LYS B 76 -15.17 -5.01 45.32
C LYS B 76 -14.43 -6.26 44.85
N PRO B 77 -13.47 -6.11 43.91
CA PRO B 77 -12.71 -7.26 43.41
C PRO B 77 -11.44 -7.48 44.25
N GLU B 78 -10.91 -8.70 44.23
CA GLU B 78 -9.71 -8.98 44.99
C GLU B 78 -8.45 -8.53 44.24
N ALA B 79 -8.55 -8.42 42.91
CA ALA B 79 -7.41 -7.95 42.12
C ALA B 79 -7.82 -7.32 40.79
N VAL B 80 -6.89 -6.58 40.21
CA VAL B 80 -7.10 -5.90 38.93
C VAL B 80 -6.05 -6.32 37.91
N LEU B 81 -6.49 -6.85 36.77
CA LEU B 81 -5.55 -7.22 35.69
C LEU B 81 -5.60 -6.08 34.70
N ASN B 82 -4.48 -5.40 34.54
CA ASN B 82 -4.39 -4.27 33.64
C ASN B 82 -3.97 -4.66 32.24
N VAL B 83 -4.93 -4.72 31.34
CA VAL B 83 -4.67 -5.02 29.95
C VAL B 83 -5.20 -3.92 29.04
N ALA B 84 -4.82 -2.70 29.39
CA ALA B 84 -5.19 -1.52 28.62
C ALA B 84 -3.80 -1.17 28.10
N LEU B 85 -3.52 0.10 27.87
CA LEU B 85 -2.23 0.51 27.36
C LEU B 85 -1.27 0.92 28.49
N PRO B 86 0.04 0.92 28.24
CA PRO B 86 0.98 1.30 29.30
C PRO B 86 0.74 2.68 29.91
N TYR B 87 -0.02 3.51 29.20
CA TYR B 87 -0.32 4.85 29.70
C TYR B 87 -1.09 4.83 31.03
N GLN B 88 -1.90 3.79 31.22
CA GLN B 88 -2.74 3.63 32.42
C GLN B 88 -2.11 2.91 33.62
N ASP B 89 -0.86 2.52 33.51
CA ASP B 89 -0.23 1.80 34.60
C ASP B 89 -0.24 2.52 35.92
N LEU B 90 0.28 3.73 35.96
CA LEU B 90 0.35 4.46 37.21
C LEU B 90 -1.03 4.79 37.75
N THR B 91 -1.94 5.15 36.87
CA THR B 91 -3.29 5.47 37.28
C THR B 91 -3.92 4.27 37.98
N ILE B 92 -3.78 3.10 37.37
CA ILE B 92 -4.38 1.90 37.94
C ILE B 92 -3.68 1.44 39.21
N ASP B 94 -2.34 3.28 41.35
CA ASP B 94 -2.74 4.20 42.41
C ASP B 94 -4.08 3.78 43.00
N ALA B 95 -5.02 3.43 42.13
CA ALA B 95 -6.32 3.01 42.59
C ALA B 95 -6.20 1.73 43.41
N CYS B 96 -5.34 0.82 42.97
CA CYS B 96 -5.16 -0.44 43.68
C CYS B 96 -4.66 -0.22 45.09
N LEU B 97 -3.74 0.71 45.24
CA LEU B 97 -3.15 1.04 46.53
C LEU B 97 -4.18 1.73 47.42
N ALA B 98 -4.96 2.62 46.82
CA ALA B 98 -5.96 3.36 47.55
C ALA B 98 -7.01 2.42 48.13
N THR B 99 -7.44 1.46 47.32
CA THR B 99 -8.49 0.54 47.71
C THR B 99 -8.03 -0.82 48.25
N GLY B 100 -6.73 -1.00 48.39
CA GLY B 100 -6.19 -2.25 48.91
C GLY B 100 -6.39 -3.51 48.09
N VAL B 101 -6.22 -3.43 46.78
CA VAL B 101 -6.38 -4.62 45.94
C VAL B 101 -5.12 -4.85 45.09
N HIS B 102 -4.92 -6.09 44.66
CA HIS B 102 -3.74 -6.48 43.89
C HIS B 102 -3.68 -5.98 42.44
N TYR B 103 -2.47 -5.94 41.90
CA TYR B 103 -2.25 -5.44 40.56
C TYR B 103 -1.35 -6.30 39.63
N ILE B 104 -1.80 -6.49 38.39
CA ILE B 104 -1.01 -7.23 37.38
C ILE B 104 -1.07 -6.49 36.04
N ASP B 105 0.06 -6.33 35.37
CA ASP B 105 0.02 -5.72 34.05
C ASP B 105 0.94 -6.48 33.12
N THR B 106 1.04 -6.01 31.88
CA THR B 106 1.85 -6.66 30.85
C THR B 106 3.02 -5.85 30.33
N ALA B 107 2.91 -4.53 30.41
CA ALA B 107 3.97 -3.65 29.94
C ALA B 107 4.25 -2.58 30.96
N ASN B 108 5.48 -2.08 31.01
CA ASN B 108 5.75 -1.02 31.97
C ASN B 108 5.36 0.36 31.43
N TYR B 109 5.49 1.36 32.29
CA TYR B 109 5.08 2.74 32.02
C TYR B 109 5.78 3.63 30.99
N GLU B 110 4.96 4.26 30.17
CA GLU B 110 5.39 5.23 29.18
C GLU B 110 4.29 6.28 29.19
N ALA B 111 4.66 7.53 29.47
CA ALA B 111 3.72 8.64 29.51
C ALA B 111 3.09 8.84 28.12
N GLU B 112 1.79 9.12 28.07
CA GLU B 112 1.09 9.32 26.80
C GLU B 112 1.54 10.60 26.12
N ASP B 113 1.88 11.59 26.93
CA ASP B 113 2.38 12.83 26.37
C ASP B 113 3.82 12.89 26.84
N THR B 114 4.72 12.52 25.93
CA THR B 114 6.15 12.49 26.21
C THR B 114 6.78 13.87 26.22
N GLU B 115 5.95 14.90 26.08
CA GLU B 115 6.44 16.27 26.08
C GLU B 115 6.12 16.97 27.40
N ASP B 116 5.33 16.29 28.24
CA ASP B 116 4.95 16.81 29.56
C ASP B 116 6.24 17.09 30.34
N PRO B 117 6.46 18.36 30.75
CA PRO B 117 7.62 18.85 31.49
C PRO B 117 8.22 18.07 32.66
N GLU B 118 7.41 17.72 33.66
CA GLU B 118 7.97 17.02 34.80
C GLU B 118 8.37 15.59 34.50
N TRP B 119 7.67 14.97 33.56
CA TRP B 119 8.01 13.61 33.17
C TRP B 119 9.41 13.67 32.56
N ARG B 120 9.59 14.54 31.56
CA ARG B 120 10.88 14.68 30.86
C ARG B 120 12.06 14.93 31.78
N ALA B 121 11.84 15.67 32.86
CA ALA B 121 12.92 15.93 33.80
C ALA B 121 13.39 14.62 34.45
N ILE B 122 12.46 13.69 34.67
CA ILE B 122 12.80 12.40 35.26
C ILE B 122 13.47 11.56 34.18
N TYR B 123 12.87 11.58 32.99
CA TYR B 123 13.36 10.86 31.82
C TYR B 123 14.80 11.20 31.43
N GLU B 124 15.07 12.46 31.18
CA GLU B 124 16.40 12.89 30.78
C GLU B 124 17.47 12.64 31.84
N LYS B 125 17.11 12.79 33.10
CA LYS B 125 18.07 12.56 34.17
C LYS B 125 18.53 11.11 34.04
N ARG B 126 17.59 10.23 33.70
CA ARG B 126 17.86 8.81 33.52
C ARG B 126 18.74 8.56 32.29
N CYS B 127 18.37 9.19 31.18
CA CYS B 127 19.13 9.07 29.94
C CYS B 127 20.59 9.44 30.16
N LYS B 128 20.85 10.32 31.13
CA LYS B 128 22.22 10.73 31.39
C LYS B 128 22.96 9.76 32.29
N GLU B 129 22.24 9.14 33.21
CA GLU B 129 22.88 8.21 34.14
C GLU B 129 22.97 6.79 33.64
N LEU B 130 21.87 6.26 33.09
CA LEU B 130 21.85 4.88 32.63
C LEU B 130 22.32 4.66 31.19
N GLY B 131 21.99 5.58 30.29
CA GLY B 131 22.48 5.42 28.94
C GLY B 131 21.54 4.88 27.90
N PHE B 132 20.30 4.62 28.28
CA PHE B 132 19.36 4.15 27.29
C PHE B 132 18.21 5.15 27.27
N THR B 133 17.76 5.42 26.06
CA THR B 133 16.75 6.41 25.81
C THR B 133 15.36 5.95 25.43
N ALA B 134 14.98 4.75 25.86
CA ALA B 134 13.64 4.27 25.56
C ALA B 134 12.67 5.03 26.44
N TYR B 135 11.50 5.36 25.88
CA TYR B 135 10.51 6.12 26.63
C TYR B 135 9.93 5.39 27.83
N PHE B 136 10.10 4.06 27.87
CA PHE B 136 9.56 3.27 28.96
C PHE B 136 10.62 2.60 29.81
N ASP B 137 10.33 2.49 31.11
CA ASP B 137 11.23 1.83 32.03
C ASP B 137 10.53 1.53 33.35
N TYR B 138 11.12 0.65 34.15
CA TYR B 138 10.51 0.21 35.40
C TYR B 138 10.60 1.09 36.63
N SER B 139 11.49 2.06 36.59
CA SER B 139 11.70 2.99 37.70
C SER B 139 10.40 3.47 38.33
N TRP B 140 9.48 3.93 37.48
CA TRP B 140 8.21 4.47 37.92
C TRP B 140 7.44 3.53 38.81
N GLN B 141 7.31 2.29 38.33
CA GLN B 141 6.57 1.28 39.06
C GLN B 141 7.36 0.65 40.21
N TRP B 142 8.69 0.60 40.10
CA TRP B 142 9.48 0.03 41.19
C TRP B 142 9.43 0.97 42.37
N ALA B 143 9.09 2.22 42.12
CA ALA B 143 9.01 3.22 43.16
C ALA B 143 7.92 2.85 44.15
N TYR B 144 6.92 2.08 43.70
CA TYR B 144 5.80 1.64 44.54
C TYR B 144 6.10 0.47 45.50
N GLN B 145 7.31 -0.05 45.45
CA GLN B 145 7.71 -1.17 46.30
C GLN B 145 7.33 -1.04 47.80
N GLU B 146 7.84 0.00 48.46
CA GLU B 146 7.58 0.21 49.88
C GLU B 146 6.11 0.36 50.24
N LYS B 147 5.36 1.11 49.45
CA LYS B 147 3.95 1.32 49.74
C LYS B 147 3.11 0.06 49.61
N PHE B 148 3.39 -0.75 48.59
CA PHE B 148 2.65 -2.00 48.39
C PHE B 148 2.99 -3.01 49.48
N LYS B 149 4.28 -3.12 49.80
CA LYS B 149 4.73 -4.05 50.83
C LYS B 149 4.04 -3.68 52.14
N GLU B 150 3.98 -2.39 52.44
CA GLU B 150 3.33 -1.92 53.67
C GLU B 150 1.83 -2.23 53.68
N ALA B 151 1.18 -2.12 52.52
CA ALA B 151 -0.25 -2.41 52.43
C ALA B 151 -0.50 -3.91 52.20
N GLY B 152 0.58 -4.68 52.21
CA GLY B 152 0.50 -6.11 52.00
C GLY B 152 -0.10 -6.45 50.64
N LEU B 153 0.26 -5.67 49.63
CA LEU B 153 -0.26 -5.88 48.29
C LEU B 153 0.75 -6.39 47.28
N THR B 154 0.25 -7.11 46.29
CA THR B 154 1.13 -7.65 45.27
C THR B 154 0.96 -6.93 43.94
N ALA B 155 2.07 -6.49 43.36
CA ALA B 155 2.04 -5.88 42.04
C ALA B 155 2.98 -6.74 41.20
N LEU B 156 2.42 -7.40 40.19
CA LEU B 156 3.18 -8.27 39.29
C LEU B 156 3.38 -7.51 38.00
N LEU B 157 4.64 -7.20 37.69
CA LEU B 157 4.95 -6.44 36.51
C LEU B 157 5.38 -7.21 35.27
N GLY B 158 4.79 -6.84 34.13
CA GLY B 158 5.15 -7.45 32.86
C GLY B 158 4.88 -8.95 32.71
N SER B 159 3.62 -9.33 32.88
CA SER B 159 3.23 -10.72 32.79
C SER B 159 2.73 -11.21 31.43
N GLY B 160 3.47 -10.92 30.37
CA GLY B 160 3.04 -11.38 29.06
C GLY B 160 4.09 -12.38 28.60
N PHE B 161 4.46 -12.36 27.33
CA PHE B 161 5.49 -13.28 26.92
C PHE B 161 6.85 -12.61 27.04
N ASP B 162 7.00 -11.43 26.46
CA ASP B 162 8.24 -10.68 26.58
C ASP B 162 7.89 -9.21 26.71
N PRO B 163 7.93 -8.69 27.93
CA PRO B 163 8.28 -9.37 29.19
C PRO B 163 7.31 -10.41 29.74
N GLY B 164 7.80 -11.17 30.71
CA GLY B 164 6.97 -12.19 31.33
C GLY B 164 7.64 -13.53 31.21
N VAL B 165 7.01 -14.41 30.43
CA VAL B 165 7.54 -15.74 30.21
C VAL B 165 9.05 -15.72 29.97
N THR B 166 9.57 -14.74 29.23
CA THR B 166 11.01 -14.72 29.02
C THR B 166 11.75 -14.62 30.36
N SER B 167 11.11 -14.09 31.35
CA SER B 167 11.68 -13.94 32.69
C SER B 167 11.45 -15.22 33.49
N VAL B 168 10.31 -15.88 33.24
CA VAL B 168 10.03 -17.12 33.93
C VAL B 168 11.05 -18.15 33.42
N PHE B 169 11.38 -18.06 32.13
CA PHE B 169 12.36 -18.99 31.53
C PHE B 169 13.70 -18.81 32.21
N SER B 170 14.05 -17.56 32.45
CA SER B 170 15.31 -17.22 33.09
C SER B 170 15.40 -17.73 34.50
N ALA B 171 14.31 -17.58 35.25
CA ALA B 171 14.28 -18.02 36.64
C ALA B 171 14.34 -19.53 36.69
N TYR B 172 13.69 -20.17 35.72
CA TYR B 172 13.64 -21.61 35.61
C TYR B 172 15.04 -22.14 35.29
N ALA B 173 15.70 -21.51 34.33
CA ALA B 173 17.03 -21.92 33.94
C ALA B 173 17.98 -21.76 35.11
N LEU B 174 17.81 -20.70 35.87
CA LEU B 174 18.69 -20.46 37.01
C LEU B 174 18.49 -21.46 38.13
N LYS B 175 17.25 -21.91 38.28
CA LYS B 175 16.89 -22.83 39.34
C LYS B 175 17.24 -24.29 39.10
N HIS B 176 17.09 -24.73 37.86
CA HIS B 176 17.31 -26.12 37.53
C HIS B 176 18.51 -26.44 36.67
N TYR B 177 18.99 -25.48 35.93
CA TYR B 177 20.09 -25.77 35.02
C TYR B 177 21.45 -25.14 35.28
N PHE B 178 21.50 -24.02 35.98
CA PHE B 178 22.79 -23.37 36.23
C PHE B 178 23.10 -23.08 37.67
N ASP B 179 24.36 -22.68 37.90
CA ASP B 179 24.78 -22.25 39.23
C ASP B 179 24.71 -20.74 39.04
N GLU B 180 24.98 -20.28 37.83
CA GLU B 180 24.95 -18.86 37.55
C GLU B 180 24.84 -18.58 36.04
N ILE B 181 23.90 -17.71 35.66
CA ILE B 181 23.71 -17.36 34.24
C ILE B 181 24.61 -16.14 33.92
N HIS B 182 25.29 -16.15 32.77
CA HIS B 182 26.14 -15.02 32.39
C HIS B 182 25.66 -14.33 31.13
N TYR B 183 25.00 -15.07 30.25
CA TYR B 183 24.52 -14.47 29.02
C TYR B 183 23.09 -14.86 28.74
N ILE B 184 22.28 -13.87 28.44
CA ILE B 184 20.88 -14.12 28.10
C ILE B 184 20.64 -13.48 26.74
N ASP B 185 20.20 -14.28 25.78
CA ASP B 185 19.86 -13.75 24.48
C ASP B 185 18.38 -14.13 24.31
N ILE B 186 17.53 -13.12 24.17
CA ILE B 186 16.10 -13.35 24.03
C ILE B 186 15.75 -13.23 22.55
N LEU B 187 15.03 -14.20 22.00
CA LEU B 187 14.69 -14.17 20.58
C LEU B 187 13.21 -14.26 20.27
N ASP B 188 12.64 -13.18 19.70
CA ASP B 188 11.22 -13.15 19.34
C ASP B 188 11.12 -13.30 17.83
N CYS B 189 10.40 -14.34 17.40
CA CYS B 189 10.23 -14.59 15.97
C CYS B 189 8.79 -14.61 15.47
N ASN B 190 8.55 -13.89 14.37
CA ASN B 190 7.23 -13.85 13.73
C ASN B 190 7.37 -14.35 12.30
N PHE B 202 -1.77 -4.47 14.30
CA PHE B 202 -2.39 -3.43 13.50
C PHE B 202 -2.16 -2.04 14.08
N ASN B 203 -0.90 -1.72 14.37
CA ASN B 203 -0.58 -0.40 14.88
C ASN B 203 0.67 0.04 14.19
N PRO B 204 0.57 0.98 13.24
CA PRO B 204 1.79 1.38 12.60
C PRO B 204 2.65 2.30 13.41
N GLU B 205 2.14 2.86 14.50
CA GLU B 205 3.02 3.75 15.22
C GLU B 205 3.91 2.96 16.15
N ILE B 206 3.47 1.75 16.48
CA ILE B 206 4.27 0.88 17.33
C ILE B 206 5.32 0.27 16.40
N ASN B 207 4.88 -0.16 15.21
CA ASN B 207 5.80 -0.73 14.24
C ASN B 207 6.83 0.30 13.80
N LEU B 208 6.35 1.53 13.59
CA LEU B 208 7.23 2.60 13.14
C LEU B 208 8.35 2.90 14.12
N ARG B 209 8.04 2.98 15.41
CA ARG B 209 9.11 3.27 16.36
C ARG B 209 9.87 1.99 16.66
N GLU B 210 9.25 0.86 16.35
CA GLU B 210 9.89 -0.44 16.55
C GLU B 210 11.11 -0.51 15.62
N VAL B 211 10.93 -0.12 14.36
CA VAL B 211 12.02 -0.14 13.39
C VAL B 211 12.91 1.11 13.39
N SER B 212 12.52 2.15 14.14
CA SER B 212 13.27 3.39 14.16
C SER B 212 13.92 3.85 15.48
N ALA B 213 13.41 3.35 16.61
CA ALA B 213 13.97 3.74 17.90
C ALA B 213 15.37 3.14 18.03
N PRO B 214 16.28 3.83 18.71
CA PRO B 214 17.65 3.31 18.88
C PRO B 214 17.57 1.91 19.50
N GLY B 215 18.55 1.08 19.17
CA GLY B 215 18.57 -0.24 19.75
C GLY B 215 19.55 -0.18 20.89
N SER B 216 19.35 -1.02 21.90
CA SER B 216 20.26 -1.06 23.03
C SER B 216 20.22 -2.43 23.72
N TYR B 217 21.29 -2.71 24.46
CA TYR B 217 21.45 -3.95 25.22
C TYR B 217 22.30 -3.61 26.44
N TRP B 218 22.46 -4.57 27.34
CA TRP B 218 23.19 -4.33 28.58
C TRP B 218 24.45 -5.21 28.65
N GLU B 219 25.57 -4.64 29.10
CA GLU B 219 26.82 -5.39 29.18
C GLU B 219 27.74 -4.84 30.26
N ASP B 220 28.10 -5.69 31.21
CA ASP B 220 28.99 -5.31 32.32
C ASP B 220 28.53 -4.07 33.08
N GLY B 221 27.37 -4.16 33.71
CA GLY B 221 26.82 -3.06 34.50
C GLY B 221 26.50 -1.77 33.75
N LYS B 222 26.47 -1.84 32.43
CA LYS B 222 26.22 -0.65 31.62
C LYS B 222 25.30 -0.91 30.44
N TRP B 223 24.55 0.11 30.03
CA TRP B 223 23.72 -0.03 28.84
C TRP B 223 24.55 0.43 27.65
N VAL B 224 24.26 -0.12 26.49
CA VAL B 224 24.95 0.24 25.28
C VAL B 224 23.86 0.54 24.26
N GLU B 225 23.80 1.77 23.78
CA GLU B 225 22.78 2.11 22.81
C GLU B 225 23.42 2.22 21.45
N VAL B 226 22.73 1.71 20.43
CA VAL B 226 23.25 1.72 19.08
C VAL B 226 22.22 2.19 18.07
N GLU B 227 22.69 2.41 16.84
CA GLU B 227 21.84 2.87 15.75
C GLU B 227 20.75 1.85 15.48
N ALA B 228 19.54 2.33 15.23
CA ALA B 228 18.40 1.48 14.98
C ALA B 228 18.62 0.43 13.90
N SER B 230 21.07 -1.55 13.39
CA SER B 230 22.41 -1.56 12.84
C SER B 230 23.02 -2.92 13.10
N ILE B 231 22.36 -3.72 13.94
CA ILE B 231 22.87 -5.06 14.27
C ILE B 231 21.96 -6.19 13.83
N LYS B 232 22.46 -6.91 12.84
CA LYS B 232 21.74 -8.02 12.21
C LYS B 232 22.40 -9.35 12.51
N ARG B 233 21.58 -10.40 12.53
CA ARG B 233 22.02 -11.78 12.78
C ARG B 233 20.96 -12.68 12.18
N GLU B 234 21.26 -13.97 12.13
CA GLU B 234 20.30 -14.93 11.61
C GLU B 234 20.29 -16.16 12.50
N TYR B 235 19.12 -16.75 12.63
CA TYR B 235 18.96 -17.91 13.47
C TYR B 235 17.93 -18.84 12.83
N ASP B 236 18.19 -20.14 12.93
CA ASP B 236 17.28 -21.14 12.40
C ASP B 236 16.34 -21.53 13.53
N PHE B 237 15.16 -20.93 13.52
CA PHE B 237 14.16 -21.17 14.53
C PHE B 237 13.43 -22.50 14.43
N PRO B 238 13.45 -23.26 15.53
CA PRO B 238 12.76 -24.57 15.59
C PRO B 238 11.36 -24.45 15.04
N GLN B 239 11.02 -25.19 14.02
CA GLN B 239 9.65 -25.24 13.56
C GLN B 239 9.28 -24.13 12.62
N VAL B 240 10.19 -23.23 12.37
CA VAL B 240 9.89 -22.07 11.52
C VAL B 240 10.91 -21.98 10.41
N GLY B 241 12.18 -22.03 10.77
CA GLY B 241 13.22 -21.99 9.76
C GLY B 241 14.18 -20.85 9.98
N GLN B 242 15.02 -20.62 8.98
CA GLN B 242 16.01 -19.54 9.03
C GLN B 242 15.29 -18.21 8.88
N LYS B 243 15.56 -17.29 9.79
CA LYS B 243 14.92 -15.99 9.73
C LYS B 243 15.95 -14.90 10.05
N ASP B 244 15.69 -13.69 9.56
CA ASP B 244 16.57 -12.53 9.78
C ASP B 244 16.23 -11.84 11.10
N TYR B 246 17.12 -8.60 14.14
CA TYR B 246 17.77 -7.34 14.49
C TYR B 246 17.66 -7.10 15.99
N LEU B 247 18.70 -6.53 16.57
CA LEU B 247 18.71 -6.23 17.99
C LEU B 247 17.84 -5.02 18.31
N LEU B 248 16.89 -5.19 19.24
CA LEU B 248 16.06 -4.06 19.65
C LEU B 248 16.19 -3.95 21.14
N HIS B 249 15.73 -2.81 21.66
CA HIS B 249 15.73 -2.62 23.10
C HIS B 249 14.45 -3.31 23.53
N HIS B 250 14.44 -3.84 24.76
CA HIS B 250 13.25 -4.49 25.29
C HIS B 250 13.21 -4.34 26.80
N GLU B 251 12.00 -4.22 27.32
CA GLU B 251 11.76 -4.01 28.75
C GLU B 251 12.50 -4.92 29.72
N GLU B 252 12.29 -6.23 29.62
CA GLU B 252 12.90 -7.18 30.56
C GLU B 252 14.42 -7.17 30.70
N ILE B 253 15.13 -6.48 29.80
CA ILE B 253 16.59 -6.39 29.91
C ILE B 253 16.88 -5.66 31.22
N GLU B 254 16.06 -4.67 31.54
CA GLU B 254 16.26 -3.89 32.75
C GLU B 254 16.04 -4.73 34.01
N SER B 255 14.91 -5.43 34.11
CA SER B 255 14.66 -6.22 35.30
C SER B 255 15.66 -7.37 35.45
N LEU B 256 16.00 -8.02 34.34
CA LEU B 256 16.93 -9.13 34.39
C LEU B 256 18.34 -8.71 34.84
N ALA B 257 18.83 -7.58 34.34
CA ALA B 257 20.16 -7.11 34.72
C ALA B 257 20.26 -6.87 36.21
N LYS B 258 19.12 -6.55 36.82
CA LYS B 258 19.06 -6.31 38.25
C LYS B 258 18.92 -7.60 39.05
N ASN B 259 18.06 -8.50 38.55
CA ASN B 259 17.73 -9.74 39.24
C ASN B 259 18.44 -11.05 38.95
N ILE B 260 19.26 -11.09 37.92
CA ILE B 260 20.00 -12.31 37.59
C ILE B 260 21.44 -12.09 38.05
N PRO B 261 21.78 -12.64 39.23
CA PRO B 261 23.12 -12.50 39.81
C PRO B 261 24.27 -12.83 38.89
N GLY B 262 25.24 -11.92 38.82
CA GLY B 262 26.43 -12.12 38.01
C GLY B 262 26.27 -12.10 36.50
N VAL B 263 25.07 -11.81 36.02
CA VAL B 263 24.87 -11.81 34.58
C VAL B 263 25.78 -10.73 33.95
N LYS B 264 26.43 -11.09 32.85
CA LYS B 264 27.39 -10.22 32.19
C LYS B 264 26.91 -9.48 30.95
N ARG B 265 26.02 -10.10 30.17
CA ARG B 265 25.49 -9.45 28.97
C ARG B 265 24.08 -9.95 28.67
N ILE B 266 23.19 -9.04 28.30
CA ILE B 266 21.80 -9.41 27.98
C ILE B 266 21.42 -8.68 26.70
N ARG B 267 20.93 -9.43 25.71
CA ARG B 267 20.54 -8.87 24.41
C ARG B 267 19.18 -9.39 23.98
N PHE B 268 18.47 -8.62 23.16
CA PHE B 268 17.16 -9.04 22.66
C PHE B 268 17.17 -8.87 21.14
N PHE B 269 16.69 -9.87 20.41
CA PHE B 269 16.65 -9.78 18.95
C PHE B 269 15.25 -10.05 18.44
N THR B 271 12.82 -10.65 14.75
CA THR B 271 12.87 -11.02 13.35
C THR B 271 12.11 -10.01 12.51
N PHE B 272 12.61 -9.80 11.29
CA PHE B 272 11.95 -8.92 10.34
C PHE B 272 12.07 -9.49 8.94
N GLY B 273 10.95 -9.95 8.41
CA GLY B 273 10.91 -10.51 7.08
C GLY B 273 11.22 -9.46 6.05
N GLN B 274 11.75 -9.86 4.89
CA GLN B 274 12.09 -8.90 3.86
C GLN B 274 10.82 -8.31 3.26
N SER B 275 9.77 -9.12 3.20
CA SER B 275 8.49 -8.67 2.68
C SER B 275 7.92 -7.54 3.52
N TYR B 276 8.08 -7.66 4.84
CA TYR B 276 7.58 -6.67 5.78
C TYR B 276 8.44 -5.39 5.72
N LEU B 277 9.76 -5.56 5.73
CA LEU B 277 10.68 -4.44 5.68
C LEU B 277 10.51 -3.55 4.46
N THR B 278 10.04 -4.14 3.37
CA THR B 278 9.83 -3.35 2.15
C THR B 278 8.47 -2.67 2.22
N HIS B 279 7.46 -3.38 2.72
CA HIS B 279 6.12 -2.81 2.89
C HIS B 279 6.28 -1.54 3.72
N LYS B 281 8.99 0.16 4.00
CA LYS B 281 9.73 1.14 3.23
C LYS B 281 8.88 1.79 2.15
N CYS B 282 7.86 1.08 1.69
CA CYS B 282 6.96 1.60 0.68
C CYS B 282 6.05 2.63 1.31
N LEU B 283 5.45 2.28 2.44
CA LEU B 283 4.54 3.18 3.12
C LEU B 283 5.22 4.48 3.55
N GLU B 284 6.48 4.39 3.97
CA GLU B 284 7.22 5.56 4.39
C GLU B 284 7.59 6.39 3.16
N ASN B 285 7.57 5.74 2.00
CA ASN B 285 7.90 6.44 0.77
C ASN B 285 6.73 7.27 0.25
N VAL B 286 5.52 6.73 0.28
CA VAL B 286 4.37 7.49 -0.18
C VAL B 286 3.89 8.43 0.92
N GLY B 287 4.64 8.47 2.02
CA GLY B 287 4.30 9.35 3.13
C GLY B 287 3.09 8.96 3.97
N LEU B 288 2.85 7.66 4.12
CA LEU B 288 1.72 7.17 4.90
C LEU B 288 2.08 6.99 6.37
N LEU B 289 3.35 7.24 6.72
CA LEU B 289 3.79 7.12 8.09
C LEU B 289 3.98 8.52 8.68
N ARG B 290 3.79 9.56 7.85
CA ARG B 290 3.97 10.93 8.30
C ARG B 290 3.08 11.37 9.47
N THR B 291 3.34 12.57 9.98
CA THR B 291 2.58 13.13 11.09
C THR B 291 2.39 14.64 10.86
N ASP B 292 1.24 15.01 10.29
CA ASP B 292 0.93 16.40 9.98
C ASP B 292 -0.57 16.66 9.82
N GLY B 298 -9.54 17.75 2.73
CA GLY B 298 -9.55 18.38 4.04
C GLY B 298 -8.12 18.66 4.49
N GLN B 299 -7.94 19.75 5.22
CA GLN B 299 -6.62 20.14 5.67
C GLN B 299 -6.46 20.11 7.19
N GLU B 300 -6.90 18.97 7.73
CA GLU B 300 -6.92 18.70 9.17
C GLU B 300 -6.63 17.23 9.49
N ILE B 301 -5.72 16.60 8.77
CA ILE B 301 -5.43 15.17 8.97
C ILE B 301 -3.93 14.87 9.15
N VAL B 302 -3.63 13.79 9.88
CA VAL B 302 -2.24 13.31 10.06
C VAL B 302 -2.31 11.91 9.43
N PRO B 303 -1.42 11.62 8.46
CA PRO B 303 -1.35 10.35 7.73
C PRO B 303 -1.34 9.02 8.46
N ILE B 304 -0.37 8.84 9.36
CA ILE B 304 -0.24 7.58 10.07
C ILE B 304 -1.53 7.10 10.77
N GLN B 305 -2.38 8.02 11.20
CA GLN B 305 -3.62 7.62 11.86
C GLN B 305 -4.73 7.37 10.86
N PHE B 306 -4.49 7.71 9.60
CA PHE B 306 -5.50 7.44 8.60
C PHE B 306 -5.24 5.98 8.25
N LEU B 307 -3.96 5.61 8.32
CA LEU B 307 -3.53 4.25 8.02
C LEU B 307 -4.08 3.21 8.99
N LYS B 308 -4.20 3.56 10.28
CA LYS B 308 -4.71 2.59 11.26
C LYS B 308 -6.13 2.11 10.97
N ALA B 309 -6.90 2.97 10.32
CA ALA B 309 -8.27 2.65 10.04
C ALA B 309 -8.34 1.42 9.20
N LEU B 310 -7.24 1.11 8.51
CA LEU B 310 -7.18 -0.05 7.65
C LEU B 310 -6.54 -1.23 8.38
N LEU B 311 -6.81 -2.45 7.89
CA LEU B 311 -6.27 -3.66 8.49
C LEU B 311 -5.35 -4.39 7.52
N GLY B 318 -8.63 -12.61 9.25
CA GLY B 318 -8.23 -13.54 10.29
C GLY B 318 -7.58 -14.83 9.77
N PRO B 319 -8.32 -15.62 8.95
CA PRO B 319 -7.83 -16.88 8.36
C PRO B 319 -6.79 -16.77 7.22
N ARG B 320 -6.71 -15.60 6.58
CA ARG B 320 -5.75 -15.43 5.49
C ARG B 320 -4.33 -15.58 6.05
N THR B 321 -4.16 -15.11 7.27
CA THR B 321 -2.87 -15.18 7.98
C THR B 321 -2.44 -16.63 8.25
N VAL B 322 -1.25 -17.01 7.79
CA VAL B 322 -0.70 -18.35 8.03
C VAL B 322 0.74 -18.23 8.51
N GLY B 323 1.10 -18.99 9.54
CA GLY B 323 2.46 -18.93 10.05
C GLY B 323 2.66 -19.33 11.51
N LYS B 324 3.87 -19.13 12.00
CA LYS B 324 4.20 -19.50 13.38
C LYS B 324 5.08 -18.51 14.11
N THR B 325 4.95 -18.47 15.44
CA THR B 325 5.81 -17.63 16.25
C THR B 325 6.68 -18.57 17.09
N ASN B 326 7.82 -18.05 17.51
CA ASN B 326 8.76 -18.81 18.33
C ASN B 326 9.48 -17.78 19.20
N ILE B 327 9.15 -17.74 20.49
CA ILE B 327 9.79 -16.80 21.41
C ILE B 327 10.49 -17.58 22.50
N GLY B 328 11.75 -17.24 22.77
CA GLY B 328 12.51 -17.97 23.78
C GLY B 328 13.77 -17.26 24.20
N CYS B 329 14.63 -17.94 24.95
CA CYS B 329 15.86 -17.31 25.42
C CYS B 329 17.03 -18.30 25.43
N ILE B 330 18.22 -17.82 25.08
CA ILE B 330 19.40 -18.69 25.10
C ILE B 330 20.34 -18.26 26.22
N PHE B 331 20.50 -19.14 27.20
CA PHE B 331 21.35 -18.84 28.34
C PHE B 331 22.70 -19.53 28.22
N THR B 332 23.74 -18.84 28.67
CA THR B 332 25.06 -19.43 28.70
C THR B 332 25.49 -19.15 30.11
N GLY B 333 25.94 -20.19 30.79
CA GLY B 333 26.35 -20.01 32.17
C GLY B 333 27.23 -21.11 32.70
N VAL B 334 27.17 -21.29 34.01
CA VAL B 334 28.00 -22.26 34.67
C VAL B 334 27.24 -23.12 35.65
N LYS B 335 27.49 -24.42 35.57
CA LYS B 335 26.90 -25.38 36.49
C LYS B 335 28.03 -26.34 36.81
N ASP B 336 28.36 -26.42 38.11
CA ASP B 336 29.43 -27.26 38.61
C ASP B 336 30.76 -26.95 37.92
N GLY B 337 31.02 -25.66 37.76
CA GLY B 337 32.26 -25.22 37.14
C GLY B 337 32.46 -25.52 35.66
N VAL B 338 31.39 -25.72 34.90
CA VAL B 338 31.51 -25.99 33.47
C VAL B 338 30.53 -25.13 32.67
N GLU B 339 30.99 -24.53 31.58
CA GLU B 339 30.11 -23.69 30.75
C GLU B 339 29.00 -24.59 30.20
N LYS B 340 27.80 -24.03 30.12
CA LYS B 340 26.62 -24.79 29.70
C LYS B 340 25.67 -23.85 28.95
N THR B 341 25.04 -24.34 27.89
CA THR B 341 24.08 -23.53 27.14
C THR B 341 22.72 -24.22 27.08
N ILE B 342 21.68 -23.42 27.28
CA ILE B 342 20.30 -23.89 27.34
C ILE B 342 19.43 -22.99 26.47
N TYR B 343 18.45 -23.57 25.81
CA TYR B 343 17.54 -22.80 24.96
C TYR B 343 16.11 -23.15 25.36
N ILE B 344 15.36 -22.17 25.87
CA ILE B 344 13.99 -22.44 26.27
C ILE B 344 13.05 -21.65 25.39
N TYR B 345 12.12 -22.33 24.72
CA TYR B 345 11.23 -21.57 23.86
C TYR B 345 9.85 -22.14 23.72
N ASN B 346 8.98 -21.35 23.12
CA ASN B 346 7.62 -21.80 22.85
C ASN B 346 7.27 -21.55 21.39
N VAL B 347 6.64 -22.54 20.78
CA VAL B 347 6.18 -22.42 19.41
C VAL B 347 4.64 -22.45 19.42
N CYS B 348 4.04 -21.38 18.90
CA CYS B 348 2.58 -21.24 18.81
C CYS B 348 2.24 -20.99 17.33
N ASP B 349 1.24 -21.70 16.80
CA ASP B 349 0.84 -21.51 15.40
C ASP B 349 -0.48 -20.71 15.35
N HIS B 350 -0.52 -19.68 14.50
CA HIS B 350 -1.67 -18.77 14.38
C HIS B 350 -3.08 -19.33 14.39
N GLN B 351 -3.31 -20.37 13.62
CA GLN B 351 -4.65 -20.91 13.52
C GLN B 351 -5.17 -21.87 14.56
N GLU B 352 -4.28 -22.57 15.25
CA GLU B 352 -4.82 -23.46 16.27
C GLU B 352 -5.31 -22.54 17.40
N CYS B 353 -4.70 -21.35 17.50
CA CYS B 353 -5.12 -20.37 18.49
C CYS B 353 -6.32 -19.56 17.99
N TYR B 354 -6.48 -19.40 16.67
CA TYR B 354 -7.65 -18.67 16.17
C TYR B 354 -8.83 -19.63 16.18
N ALA B 355 -8.54 -20.93 16.14
CA ALA B 355 -9.58 -21.95 16.18
C ALA B 355 -10.02 -22.18 17.62
N GLU B 356 -9.18 -21.77 18.57
CA GLU B 356 -9.49 -21.94 19.98
C GLU B 356 -10.10 -20.73 20.67
N VAL B 357 -9.54 -19.55 20.43
CA VAL B 357 -10.04 -18.33 21.06
C VAL B 357 -10.30 -17.18 20.07
N GLY B 358 -10.04 -17.43 18.80
CA GLY B 358 -10.28 -16.44 17.76
C GLY B 358 -9.38 -15.24 17.66
N SER B 359 -8.07 -15.44 17.70
CA SER B 359 -7.14 -14.31 17.60
C SER B 359 -5.77 -14.59 16.99
N GLN B 360 -4.96 -13.53 17.00
CA GLN B 360 -3.60 -13.51 16.49
C GLN B 360 -2.72 -14.25 17.47
N ALA B 361 -1.56 -14.73 17.03
CA ALA B 361 -0.65 -15.44 17.93
C ALA B 361 0.00 -14.45 18.91
N ILE B 362 0.09 -13.18 18.52
CA ILE B 362 0.70 -12.19 19.40
C ILE B 362 -0.16 -11.93 20.62
N SER B 363 -1.47 -11.88 20.42
CA SER B 363 -2.35 -11.67 21.55
C SER B 363 -2.44 -12.97 22.35
N TYR B 364 -2.37 -14.11 21.67
CA TYR B 364 -2.44 -15.38 22.38
C TYR B 364 -1.25 -15.58 23.31
N THR B 365 -0.04 -15.34 22.79
CA THR B 365 1.18 -15.52 23.58
C THR B 365 1.33 -14.51 24.72
N THR B 366 0.48 -13.50 24.71
CA THR B 366 0.56 -12.52 25.78
C THR B 366 -0.66 -12.72 26.66
N GLY B 367 -1.76 -13.08 26.04
CA GLY B 367 -2.98 -13.29 26.80
C GLY B 367 -2.89 -14.39 27.85
N VAL B 368 -2.33 -15.53 27.46
CA VAL B 368 -2.24 -16.63 28.41
C VAL B 368 -1.34 -16.26 29.59
N PRO B 369 -0.15 -15.70 29.32
CA PRO B 369 0.68 -15.34 30.47
C PRO B 369 -0.04 -14.37 31.39
N ALA B 370 -0.85 -13.49 30.79
CA ALA B 370 -1.58 -12.49 31.56
C ALA B 370 -2.51 -13.17 32.57
N ILE B 372 -2.28 -16.50 33.71
CA ILE B 372 -1.53 -17.30 34.67
C ILE B 372 -1.01 -16.43 35.82
N GLY B 373 -0.37 -15.30 35.49
CA GLY B 373 0.12 -14.45 36.55
C GLY B 373 -1.02 -14.05 37.46
N THR B 374 -2.15 -13.69 36.87
CA THR B 374 -3.31 -13.29 37.65
C THR B 374 -3.79 -14.44 38.54
N LYS B 375 -3.86 -15.65 37.97
CA LYS B 375 -4.30 -16.82 38.72
C LYS B 375 -3.35 -17.11 39.88
N LEU B 376 -2.06 -17.10 39.60
CA LEU B 376 -1.06 -17.38 40.63
C LEU B 376 -1.01 -16.31 41.69
N VAL B 377 -1.30 -15.07 41.31
CA VAL B 377 -1.26 -13.99 42.28
C VAL B 377 -2.40 -14.08 43.25
N ASN B 379 -4.61 -16.82 43.72
CA ASN B 379 -4.95 -18.11 44.31
C ASN B 379 -3.99 -18.37 45.49
N GLY B 380 -3.04 -17.46 45.69
CA GLY B 380 -2.12 -17.56 46.80
C GLY B 380 -0.69 -17.96 46.48
N THR B 381 -0.52 -18.65 45.36
CA THR B 381 0.78 -19.15 44.93
C THR B 381 1.87 -18.09 44.86
N TRP B 382 1.52 -16.94 44.31
CA TRP B 382 2.45 -15.85 44.12
C TRP B 382 2.16 -14.57 44.89
N LYS B 383 1.34 -14.67 45.93
CA LYS B 383 1.02 -13.49 46.72
C LYS B 383 2.18 -13.10 47.64
N GLN B 384 2.94 -12.09 47.24
CA GLN B 384 4.04 -11.57 48.05
C GLN B 384 3.86 -10.07 48.03
N ALA B 385 3.88 -9.46 49.22
CA ALA B 385 3.72 -8.02 49.30
C ALA B 385 4.90 -7.36 48.62
N GLY B 386 4.60 -6.38 47.77
CA GLY B 386 5.64 -5.67 47.07
C GLY B 386 5.38 -5.61 45.58
N VAL B 387 6.37 -5.07 44.87
CA VAL B 387 6.31 -4.94 43.42
C VAL B 387 7.31 -5.96 42.90
N TYR B 388 6.90 -6.77 41.91
CA TYR B 388 7.78 -7.82 41.40
C TYR B 388 7.83 -8.02 39.91
N ASN B 389 8.98 -8.46 39.42
CA ASN B 389 9.04 -8.84 38.02
C ASN B 389 9.03 -10.34 38.17
N LEU B 390 8.55 -11.05 37.16
CA LEU B 390 8.45 -12.49 37.25
C LEU B 390 9.68 -13.35 37.60
N GLU B 391 10.89 -12.90 37.24
CA GLU B 391 12.08 -13.71 37.54
C GLU B 391 12.33 -13.83 39.05
N GLU B 392 11.65 -13.00 39.83
CA GLU B 392 11.80 -13.01 41.29
C GLU B 392 10.94 -14.05 42.00
N LEU B 393 10.03 -14.69 41.27
CA LEU B 393 9.15 -15.67 41.89
C LEU B 393 9.43 -17.11 41.42
N ASP B 394 8.95 -18.09 42.18
CA ASP B 394 9.17 -19.49 41.81
C ASP B 394 8.58 -19.70 40.43
N PRO B 395 9.44 -20.04 39.47
CA PRO B 395 8.98 -20.24 38.10
C PRO B 395 8.15 -21.49 37.88
N ASP B 396 8.37 -22.49 38.71
CA ASP B 396 7.70 -23.76 38.55
C ASP B 396 6.18 -23.81 38.36
N PRO B 397 5.41 -23.21 39.27
CA PRO B 397 3.96 -23.30 39.04
C PRO B 397 3.54 -22.60 37.75
N PHE B 398 4.34 -21.61 37.37
CA PHE B 398 4.02 -20.86 36.16
C PHE B 398 4.24 -21.69 34.89
N GLU B 400 4.22 -25.10 34.78
CA GLU B 400 3.29 -26.21 34.67
C GLU B 400 2.04 -25.62 34.04
N ALA B 401 1.67 -24.42 34.50
CA ALA B 401 0.51 -23.71 33.97
C ALA B 401 0.63 -23.41 32.48
N LEU B 402 1.84 -23.10 32.03
CA LEU B 402 2.07 -22.82 30.60
C LEU B 402 1.78 -24.05 29.77
N ASN B 403 2.11 -25.21 30.33
CA ASN B 403 1.86 -26.47 29.63
C ASN B 403 0.38 -26.74 29.63
N GLU B 404 -0.25 -26.45 30.77
CA GLU B 404 -1.67 -26.69 30.96
C GLU B 404 -2.60 -25.80 30.14
N TYR B 405 -2.30 -24.51 30.07
CA TYR B 405 -3.17 -23.57 29.38
C TYR B 405 -2.88 -23.17 27.95
N GLY B 406 -2.11 -23.98 27.24
CA GLY B 406 -1.89 -23.68 25.84
C GLY B 406 -0.54 -23.30 25.27
N LEU B 407 0.45 -22.99 26.10
CA LEU B 407 1.75 -22.63 25.59
C LEU B 407 2.88 -23.55 26.05
N PRO B 408 2.88 -24.81 25.57
CA PRO B 408 3.91 -25.76 25.95
C PRO B 408 5.28 -25.26 25.54
N TRP B 409 6.29 -25.53 26.36
CA TRP B 409 7.64 -25.08 26.12
C TRP B 409 8.61 -26.23 25.83
N VAL B 410 9.79 -25.88 25.35
CA VAL B 410 10.82 -26.83 24.96
C VAL B 410 12.17 -26.46 25.56
N VAL B 411 12.94 -27.45 25.99
CA VAL B 411 14.27 -27.13 26.51
C VAL B 411 15.31 -27.86 25.69
N VAL B 412 16.27 -27.10 25.18
CA VAL B 412 17.35 -27.65 24.37
C VAL B 412 18.68 -27.42 25.09
N GLU B 413 19.40 -28.50 25.37
CA GLU B 413 20.72 -28.44 26.03
C GLU B 413 21.74 -28.53 24.90
N ASN B 414 22.64 -27.57 24.84
CA ASN B 414 23.64 -27.40 23.78
C ASN B 414 22.98 -26.97 22.46
N PRO B 415 22.20 -25.88 22.51
CA PRO B 415 21.54 -25.43 21.30
C PRO B 415 22.53 -24.65 20.46
N GLN B 416 22.05 -24.12 19.34
CA GLN B 416 22.88 -23.32 18.43
C GLN B 416 22.88 -21.87 18.91
N VAL B 418 24.18 -17.60 18.44
CA VAL B 418 24.08 -16.52 17.45
C VAL B 418 25.54 -16.11 17.29
N ASP B 419 25.82 -15.14 16.44
CA ASP B 419 27.19 -14.67 16.21
C ASP B 419 28.05 -15.70 15.47
#